data_3JVU
#
_entry.id   3JVU
#
_cell.length_a   108.240
_cell.length_b   121.378
_cell.length_c   184.406
_cell.angle_alpha   90.00
_cell.angle_beta   90.00
_cell.angle_gamma   90.00
#
_symmetry.space_group_name_H-M   'C 2 2 21'
#
loop_
_entity.id
_entity.type
_entity.pdbx_description
1 polymer 'Twitching mobility protein'
2 non-polymer 'CHLORIDE ION'
3 non-polymer 'CITRIC ACID'
4 water water
#
_entity_poly.entity_id   1
_entity_poly.type   'polypeptide(L)'
_entity_poly.pdbx_seq_one_letter_code
;MDITELLAFSAKQGASDLHLSAGLPPMIRVDGDVRRINLPPLEHKQVHALIYDIMNDKQRKDFEEFLETDFSFEVPGVAR
FRVNAFNQNRGAGAVFRTIPSKVLTMEELGMGEVFKRVSDVPRGLVLVTGPTGSGKSTTLAAMLDYLNNTKYHHILTIED
PIEFVHESKKCLVNQREVHRDTLGFSEALRSALREDPDIILVGEMRDLETIRLALTAAETGHLVFGTLHTTSAAKTIDRV
VDVFPAEEKAMVRSMLSESLQSVISQTLIKKIGGGRVAAHEIMIGTPAIRNLIREDKVAQMYSAIQTGGSLGMQTLDMCL
KGLVAKGLISRENAREKAKIPENFGAAALEHHHHHH
;
_entity_poly.pdbx_strand_id   A,B,C
#
# COMPACT_ATOMS: atom_id res chain seq x y z
N MET A 1 45.51 -29.08 18.44
CA MET A 1 44.47 -29.80 17.66
C MET A 1 43.18 -28.99 17.58
N ASP A 2 42.83 -28.56 16.36
CA ASP A 2 41.75 -27.59 16.16
C ASP A 2 40.60 -28.18 15.38
N ILE A 3 39.54 -27.40 15.24
CA ILE A 3 38.30 -27.92 14.67
C ILE A 3 38.40 -28.27 13.18
N THR A 4 39.34 -27.67 12.48
CA THR A 4 39.52 -28.04 11.09
C THR A 4 39.95 -29.49 10.97
N GLU A 5 41.07 -29.83 11.59
CA GLU A 5 41.55 -31.20 11.55
C GLU A 5 40.35 -32.12 11.74
N LEU A 6 39.57 -31.86 12.79
CA LEU A 6 38.39 -32.66 13.08
C LEU A 6 37.44 -32.70 11.91
N LEU A 7 36.96 -31.53 11.52
CA LEU A 7 36.04 -31.43 10.40
C LEU A 7 36.57 -32.21 9.18
N ALA A 8 37.82 -31.96 8.83
CA ALA A 8 38.46 -32.67 7.72
C ALA A 8 38.31 -34.18 7.91
N PHE A 9 38.65 -34.64 9.12
CA PHE A 9 38.56 -36.05 9.45
C PHE A 9 37.14 -36.64 9.31
N SER A 10 36.13 -35.90 9.77
CA SER A 10 34.73 -36.26 9.51
C SER A 10 34.52 -36.61 8.06
N ALA A 11 34.83 -35.66 7.19
CA ALA A 11 34.65 -35.81 5.78
C ALA A 11 35.35 -37.09 5.36
N LYS A 12 36.63 -37.19 5.65
CA LYS A 12 37.37 -38.38 5.25
C LYS A 12 36.66 -39.64 5.71
N GLN A 13 35.80 -39.50 6.70
CA GLN A 13 35.11 -40.66 7.28
C GLN A 13 33.73 -40.86 6.70
N GLY A 14 33.34 -39.94 5.83
CA GLY A 14 32.00 -39.94 5.26
C GLY A 14 30.97 -39.57 6.30
N ALA A 15 31.39 -38.89 7.35
CA ALA A 15 30.46 -38.49 8.42
C ALA A 15 29.43 -37.50 7.90
N SER A 16 28.17 -37.68 8.26
CA SER A 16 27.17 -36.70 7.86
C SER A 16 27.15 -35.57 8.90
N ASP A 17 27.55 -35.88 10.12
CA ASP A 17 27.60 -34.87 11.17
C ASP A 17 28.81 -35.02 12.07
N LEU A 18 29.33 -33.88 12.53
CA LEU A 18 30.26 -33.89 13.65
C LEU A 18 29.57 -33.28 14.88
N HIS A 19 29.67 -33.97 16.02
CA HIS A 19 29.05 -33.52 17.24
C HIS A 19 30.11 -33.18 18.28
N LEU A 20 30.01 -31.98 18.84
CA LEU A 20 30.85 -31.59 19.95
C LEU A 20 29.95 -31.50 21.15
N SER A 21 30.32 -32.17 22.24
CA SER A 21 29.55 -32.05 23.46
C SER A 21 30.46 -32.04 24.68
N ALA A 22 30.52 -30.90 25.35
CA ALA A 22 31.32 -30.78 26.56
C ALA A 22 31.09 -32.05 27.39
N GLY A 23 32.15 -32.79 27.67
CA GLY A 23 32.03 -33.95 28.51
C GLY A 23 32.29 -35.23 27.77
N LEU A 24 32.34 -35.14 26.46
CA LEU A 24 32.59 -36.33 25.65
C LEU A 24 33.52 -36.01 24.52
N PRO A 25 34.26 -37.02 24.07
CA PRO A 25 35.08 -36.88 22.88
C PRO A 25 34.21 -36.52 21.67
N PRO A 26 34.78 -35.87 20.65
CA PRO A 26 34.04 -35.62 19.43
C PRO A 26 33.44 -36.90 18.87
N MET A 27 32.25 -36.82 18.29
CA MET A 27 31.66 -37.98 17.68
C MET A 27 31.11 -37.58 16.34
N ILE A 28 31.02 -38.55 15.45
CA ILE A 28 30.49 -38.28 14.13
C ILE A 28 29.35 -39.22 13.86
N ARG A 29 28.39 -38.79 13.06
CA ARG A 29 27.35 -39.68 12.63
C ARG A 29 27.73 -40.22 11.28
N VAL A 30 27.79 -41.53 11.17
CA VAL A 30 28.11 -42.15 9.89
C VAL A 30 27.13 -43.26 9.63
N ASP A 31 26.57 -43.27 8.42
CA ASP A 31 25.52 -44.22 8.08
C ASP A 31 24.44 -44.23 9.15
N GLY A 32 24.20 -43.06 9.73
CA GLY A 32 23.14 -42.90 10.71
C GLY A 32 23.54 -43.13 12.16
N ASP A 33 24.66 -43.79 12.38
CA ASP A 33 25.11 -43.98 13.76
C ASP A 33 26.02 -42.89 14.21
N VAL A 34 25.97 -42.63 15.50
CA VAL A 34 26.76 -41.60 16.06
C VAL A 34 27.80 -42.27 16.91
N ARG A 35 29.07 -41.97 16.67
CA ARG A 35 30.13 -42.68 17.36
C ARG A 35 31.38 -41.89 17.72
N ARG A 36 31.93 -42.15 18.90
CA ARG A 36 33.03 -41.35 19.40
C ARG A 36 34.25 -41.53 18.53
N ILE A 37 34.99 -40.46 18.32
CA ILE A 37 36.28 -40.55 17.65
C ILE A 37 37.29 -40.95 18.68
N ASN A 38 38.36 -41.61 18.27
CA ASN A 38 39.31 -42.10 19.24
C ASN A 38 40.15 -40.94 19.79
N LEU A 39 39.51 -40.06 20.54
CA LEU A 39 40.16 -38.90 21.13
C LEU A 39 39.66 -38.70 22.55
N PRO A 40 40.43 -37.97 23.38
CA PRO A 40 40.07 -37.74 24.77
C PRO A 40 38.81 -36.89 24.86
N PRO A 41 38.03 -37.04 25.93
CA PRO A 41 36.79 -36.28 26.08
C PRO A 41 37.08 -34.79 26.07
N LEU A 42 36.17 -34.00 25.53
CA LEU A 42 36.38 -32.57 25.51
C LEU A 42 35.68 -31.88 26.68
N GLU A 43 36.48 -31.28 27.55
CA GLU A 43 35.95 -30.48 28.65
C GLU A 43 35.24 -29.23 28.15
N HIS A 44 34.40 -28.64 28.99
CA HIS A 44 33.67 -27.48 28.56
C HIS A 44 34.58 -26.47 27.89
N LYS A 45 35.57 -25.99 28.65
CA LYS A 45 36.51 -24.99 28.15
C LYS A 45 36.91 -25.24 26.70
N GLN A 46 37.33 -26.47 26.42
CA GLN A 46 37.83 -26.82 25.11
C GLN A 46 36.79 -26.60 24.04
N VAL A 47 35.64 -27.24 24.18
CA VAL A 47 34.66 -27.15 23.11
C VAL A 47 34.30 -25.67 22.92
N HIS A 48 34.11 -24.94 24.03
CA HIS A 48 33.74 -23.49 23.90
C HIS A 48 34.83 -22.70 23.19
N ALA A 49 36.07 -23.06 23.52
CA ALA A 49 37.21 -22.56 22.78
C ALA A 49 37.04 -22.88 21.31
N LEU A 50 37.15 -24.16 20.96
CA LEU A 50 36.97 -24.61 19.60
C LEU A 50 35.90 -23.83 18.86
N ILE A 51 34.77 -23.64 19.51
CA ILE A 51 33.65 -22.96 18.90
C ILE A 51 33.95 -21.49 18.60
N TYR A 52 34.23 -20.70 19.65
CA TYR A 52 34.46 -19.29 19.43
C TYR A 52 35.52 -19.08 18.40
N ASP A 53 36.50 -19.99 18.40
CA ASP A 53 37.60 -19.87 17.48
C ASP A 53 37.14 -19.73 16.03
N ILE A 54 35.93 -20.17 15.74
CA ILE A 54 35.44 -20.08 14.37
C ILE A 54 34.25 -19.15 14.22
N MET A 55 33.85 -18.47 15.29
CA MET A 55 32.74 -17.55 15.18
C MET A 55 33.25 -16.12 15.06
N ASN A 56 32.39 -15.22 14.64
CA ASN A 56 32.72 -13.80 14.64
C ASN A 56 31.88 -13.11 15.71
N ASP A 57 32.09 -11.81 15.87
CA ASP A 57 31.38 -11.06 16.89
C ASP A 57 29.90 -11.39 16.89
N LYS A 58 29.20 -11.00 15.83
CA LYS A 58 27.76 -11.22 15.77
C LYS A 58 27.42 -12.58 16.36
N GLN A 59 27.90 -13.63 15.70
CA GLN A 59 27.66 -14.99 16.15
C GLN A 59 27.97 -15.18 17.62
N ARG A 60 29.16 -14.71 18.04
CA ARG A 60 29.53 -14.77 19.44
C ARG A 60 28.50 -14.02 20.25
N LYS A 61 28.05 -12.87 19.79
CA LYS A 61 27.07 -12.05 20.53
C LYS A 61 25.75 -12.78 20.71
N ASP A 62 25.22 -13.36 19.63
CA ASP A 62 24.00 -14.14 19.74
C ASP A 62 24.21 -15.27 20.72
N PHE A 63 25.12 -16.16 20.41
CA PHE A 63 25.36 -17.32 21.25
C PHE A 63 25.27 -16.94 22.74
N GLU A 64 25.93 -15.85 23.08
CA GLU A 64 26.05 -15.28 24.44
C GLU A 64 24.60 -14.77 24.86
N GLU A 65 23.92 -14.05 23.95
CA GLU A 65 22.64 -13.42 24.23
C GLU A 65 21.51 -14.43 24.27
N PHE A 66 21.50 -15.35 23.31
CA PHE A 66 20.35 -16.24 23.13
C PHE A 66 20.74 -17.68 23.39
N LEU A 67 21.90 -17.86 24.00
CA LEU A 67 22.34 -19.18 24.47
C LEU A 67 22.45 -20.21 23.35
N GLU A 68 22.11 -19.82 22.14
CA GLU A 68 22.28 -20.70 20.98
C GLU A 68 22.28 -19.88 19.71
N THR A 69 22.90 -20.40 18.65
CA THR A 69 22.96 -19.67 17.38
C THR A 69 23.36 -20.56 16.23
N ASP A 70 23.02 -20.14 15.02
CA ASP A 70 23.40 -20.87 13.81
C ASP A 70 24.24 -20.05 12.87
N PHE A 71 25.06 -20.72 12.09
CA PHE A 71 25.85 -20.04 11.09
C PHE A 71 26.52 -21.12 10.27
N SER A 72 27.03 -20.76 9.10
CA SER A 72 27.74 -21.74 8.30
C SER A 72 29.22 -21.49 8.42
N PHE A 73 30.00 -22.50 8.08
CA PHE A 73 31.44 -22.43 8.24
C PHE A 73 32.08 -23.31 7.19
N GLU A 74 33.10 -22.79 6.52
CA GLU A 74 33.70 -23.54 5.45
C GLU A 74 35.13 -24.02 5.70
N VAL A 75 35.38 -25.28 5.33
CA VAL A 75 36.74 -25.81 5.27
C VAL A 75 37.18 -25.86 3.81
N PRO A 76 38.08 -24.94 3.44
CA PRO A 76 38.39 -24.56 2.07
C PRO A 76 38.44 -25.75 1.13
N GLY A 77 39.39 -26.64 1.34
CA GLY A 77 39.55 -27.76 0.42
C GLY A 77 38.47 -28.80 0.58
N VAL A 78 37.89 -28.85 1.78
CA VAL A 78 37.09 -30.01 2.23
C VAL A 78 35.57 -29.89 2.03
N ALA A 79 34.94 -29.02 2.81
CA ALA A 79 33.51 -28.78 2.63
C ALA A 79 32.97 -27.67 3.52
N ARG A 80 31.73 -27.26 3.26
CA ARG A 80 31.07 -26.26 4.08
C ARG A 80 30.21 -26.97 5.11
N PHE A 81 29.96 -26.32 6.25
CA PHE A 81 29.15 -26.95 7.30
C PHE A 81 28.09 -26.02 7.86
N ARG A 82 27.04 -26.61 8.43
CA ARG A 82 25.99 -25.84 9.08
C ARG A 82 26.09 -25.89 10.62
N VAL A 83 26.41 -24.76 11.24
CA VAL A 83 26.88 -24.79 12.62
C VAL A 83 25.90 -24.21 13.62
N ASN A 84 25.49 -25.06 14.55
CA ASN A 84 24.64 -24.63 15.64
C ASN A 84 25.33 -24.85 16.97
N ALA A 85 25.54 -23.76 17.70
CA ALA A 85 26.11 -23.86 19.02
C ALA A 85 24.99 -23.72 20.06
N PHE A 86 25.09 -24.49 21.13
CA PHE A 86 24.06 -24.43 22.15
C PHE A 86 24.67 -24.89 23.45
N ASN A 87 23.93 -24.70 24.54
CA ASN A 87 24.41 -25.19 25.82
C ASN A 87 23.54 -26.32 26.32
N GLN A 88 24.18 -27.28 26.98
CA GLN A 88 23.46 -28.37 27.55
C GLN A 88 23.92 -28.59 28.96
N ASN A 89 23.30 -29.55 29.64
CA ASN A 89 23.58 -29.78 31.05
C ASN A 89 25.05 -29.96 31.39
N ARG A 90 25.83 -30.48 30.44
CA ARG A 90 27.23 -30.81 30.71
C ARG A 90 28.15 -29.69 30.31
N GLY A 91 27.62 -28.73 29.57
CA GLY A 91 28.45 -27.65 29.09
C GLY A 91 28.11 -27.28 27.66
N ALA A 92 29.09 -26.78 26.94
CA ALA A 92 28.86 -26.33 25.57
C ALA A 92 28.51 -27.49 24.65
N GLY A 93 27.90 -27.16 23.54
CA GLY A 93 27.55 -28.16 22.55
C GLY A 93 27.41 -27.53 21.19
N ALA A 94 27.89 -28.24 20.18
CA ALA A 94 27.82 -27.73 18.83
C ALA A 94 27.68 -28.88 17.88
N VAL A 95 26.89 -28.69 16.84
CA VAL A 95 26.70 -29.72 15.86
C VAL A 95 26.99 -29.15 14.46
N PHE A 96 27.79 -29.88 13.69
CA PHE A 96 28.16 -29.44 12.36
C PHE A 96 27.52 -30.31 11.30
N ARG A 97 26.67 -29.73 10.46
CA ARG A 97 26.10 -30.46 9.34
C ARG A 97 26.80 -30.03 8.10
N THR A 98 27.45 -30.98 7.46
CA THR A 98 28.19 -30.70 6.25
C THR A 98 27.20 -30.39 5.12
N ILE A 99 27.51 -29.36 4.34
CA ILE A 99 26.66 -28.95 3.23
C ILE A 99 27.19 -29.56 1.95
N PRO A 100 26.31 -30.20 1.18
CA PRO A 100 26.70 -30.72 -0.15
C PRO A 100 27.50 -29.68 -0.94
N SER A 101 28.74 -29.98 -1.24
CA SER A 101 29.56 -29.03 -2.00
C SER A 101 29.28 -29.13 -3.50
N LYS A 102 29.28 -30.35 -3.99
CA LYS A 102 29.07 -30.57 -5.42
C LYS A 102 27.59 -30.49 -5.74
N VAL A 103 27.27 -29.76 -6.80
CA VAL A 103 25.91 -29.78 -7.30
C VAL A 103 25.56 -30.80 -8.36
N LEU A 104 24.44 -31.44 -8.08
CA LEU A 104 23.84 -32.29 -9.03
C LEU A 104 22.88 -31.41 -9.78
N THR A 105 22.88 -31.55 -11.09
CA THR A 105 21.96 -30.86 -11.95
C THR A 105 20.74 -31.77 -12.19
N MET A 106 19.68 -31.27 -12.82
CA MET A 106 18.51 -32.12 -13.02
C MET A 106 18.98 -33.43 -13.66
N GLU A 107 19.96 -33.32 -14.55
CA GLU A 107 20.50 -34.49 -15.25
C GLU A 107 21.05 -35.47 -14.23
N GLU A 108 22.05 -35.02 -13.47
CA GLU A 108 22.68 -35.81 -12.41
C GLU A 108 21.65 -36.39 -11.44
N LEU A 109 20.53 -35.71 -11.27
CA LEU A 109 19.48 -36.18 -10.35
C LEU A 109 18.35 -36.89 -11.10
N GLY A 110 18.50 -37.01 -12.41
CA GLY A 110 17.48 -37.64 -13.25
C GLY A 110 16.13 -36.95 -13.14
N MET A 111 16.11 -35.63 -12.97
CA MET A 111 14.83 -34.91 -12.95
C MET A 111 14.41 -34.52 -14.37
N GLY A 112 13.10 -34.58 -14.67
CA GLY A 112 12.63 -34.39 -16.04
C GLY A 112 12.09 -33.03 -16.37
N GLU A 113 11.58 -32.88 -17.59
CA GLU A 113 11.04 -31.60 -18.08
C GLU A 113 10.08 -30.95 -17.10
N VAL A 114 9.38 -31.79 -16.36
CA VAL A 114 8.30 -31.29 -15.54
C VAL A 114 8.87 -30.19 -14.73
N PHE A 115 10.05 -30.48 -14.18
CA PHE A 115 10.78 -29.57 -13.31
C PHE A 115 11.13 -28.30 -14.02
N LYS A 116 11.76 -28.41 -15.18
CA LYS A 116 12.07 -27.22 -15.95
C LYS A 116 10.81 -26.39 -16.18
N ARG A 117 9.80 -27.00 -16.77
CA ARG A 117 8.53 -26.30 -16.93
C ARG A 117 8.15 -25.49 -15.69
N VAL A 118 8.20 -26.13 -14.53
CA VAL A 118 7.82 -25.45 -13.31
C VAL A 118 8.74 -24.27 -13.06
N SER A 119 10.05 -24.54 -13.07
CA SER A 119 11.08 -23.53 -12.86
C SER A 119 10.89 -22.38 -13.84
N ASP A 120 10.20 -22.63 -14.94
CA ASP A 120 10.14 -21.63 -16.01
C ASP A 120 9.01 -20.62 -15.89
N VAL A 121 8.02 -20.89 -15.05
CA VAL A 121 6.93 -19.96 -14.83
C VAL A 121 7.52 -18.56 -14.58
N PRO A 122 6.92 -17.52 -15.21
CA PRO A 122 7.43 -16.19 -15.08
C PRO A 122 7.38 -15.65 -13.64
N ARG A 123 6.36 -16.03 -12.87
CA ARG A 123 6.18 -15.53 -11.50
C ARG A 123 5.29 -16.49 -10.68
N GLY A 124 4.99 -16.10 -9.45
CA GLY A 124 4.12 -16.93 -8.61
C GLY A 124 4.86 -17.70 -7.54
N LEU A 125 4.18 -18.67 -6.92
CA LEU A 125 4.78 -19.40 -5.83
C LEU A 125 5.08 -20.86 -6.17
N VAL A 126 6.26 -21.32 -5.78
CA VAL A 126 6.58 -22.75 -5.90
C VAL A 126 7.12 -23.27 -4.59
N LEU A 127 6.48 -24.30 -4.06
CA LEU A 127 6.89 -24.89 -2.79
C LEU A 127 7.47 -26.25 -3.02
N VAL A 128 8.70 -26.43 -2.53
CA VAL A 128 9.33 -27.72 -2.59
C VAL A 128 9.40 -28.21 -1.16
N THR A 129 8.59 -29.22 -0.83
CA THR A 129 8.50 -29.63 0.56
C THR A 129 9.04 -31.02 0.78
N GLY A 130 9.15 -31.42 2.03
CA GLY A 130 9.63 -32.75 2.36
C GLY A 130 10.20 -32.77 3.74
N PRO A 131 10.07 -33.91 4.44
CA PRO A 131 10.68 -34.08 5.75
C PRO A 131 12.16 -33.79 5.64
N THR A 132 12.86 -33.75 6.75
CA THR A 132 14.32 -33.64 6.73
C THR A 132 14.90 -35.02 6.36
N GLY A 133 15.90 -35.03 5.48
CA GLY A 133 16.40 -36.30 4.95
C GLY A 133 15.94 -36.44 3.51
N SER A 134 14.76 -35.90 3.24
CA SER A 134 14.05 -36.07 1.96
C SER A 134 14.82 -35.60 0.74
N GLY A 135 15.73 -34.65 0.95
CA GLY A 135 16.52 -34.12 -0.16
C GLY A 135 15.90 -32.96 -0.93
N LYS A 136 14.94 -32.28 -0.28
CA LYS A 136 14.22 -31.20 -0.95
C LYS A 136 15.17 -30.18 -1.56
N SER A 137 16.21 -29.82 -0.81
CA SER A 137 17.16 -28.80 -1.21
C SER A 137 17.81 -29.09 -2.53
N THR A 138 18.34 -30.29 -2.65
CA THR A 138 19.06 -30.66 -3.83
C THR A 138 18.17 -30.38 -5.04
N THR A 139 16.97 -30.92 -5.00
CA THR A 139 15.99 -30.67 -6.02
C THR A 139 16.01 -29.16 -6.22
N LEU A 140 15.64 -28.41 -5.19
CA LEU A 140 15.69 -26.94 -5.24
C LEU A 140 16.91 -26.45 -5.95
N ALA A 141 18.08 -26.75 -5.36
CA ALA A 141 19.35 -26.31 -5.93
C ALA A 141 19.35 -26.54 -7.45
N ALA A 142 18.97 -27.76 -7.84
CA ALA A 142 18.93 -28.16 -9.24
C ALA A 142 17.99 -27.27 -10.05
N MET A 143 16.86 -26.92 -9.46
CA MET A 143 15.93 -26.08 -10.18
C MET A 143 16.53 -24.73 -10.39
N LEU A 144 17.09 -24.19 -9.32
CA LEU A 144 17.75 -22.89 -9.35
C LEU A 144 18.90 -22.90 -10.34
N ASP A 145 19.72 -23.93 -10.25
CA ASP A 145 20.78 -24.12 -11.21
C ASP A 145 20.27 -24.05 -12.65
N TYR A 146 19.22 -24.82 -12.92
CA TYR A 146 18.60 -24.82 -14.23
C TYR A 146 18.34 -23.41 -14.76
N LEU A 147 17.74 -22.52 -13.96
CA LEU A 147 17.48 -21.18 -14.46
C LEU A 147 18.77 -20.40 -14.55
N ASN A 148 19.65 -20.55 -13.56
CA ASN A 148 20.92 -19.84 -13.55
C ASN A 148 21.68 -20.15 -14.82
N ASN A 149 21.37 -21.29 -15.41
CA ASN A 149 22.00 -21.67 -16.63
C ASN A 149 21.27 -21.20 -17.89
N THR A 150 20.05 -20.72 -17.75
CA THR A 150 19.28 -20.44 -18.95
C THR A 150 18.65 -19.06 -18.99
N LYS A 151 18.55 -18.39 -17.86
CA LYS A 151 17.98 -17.05 -17.88
C LYS A 151 18.96 -15.98 -17.37
N TYR A 152 18.91 -14.80 -18.00
CA TYR A 152 19.71 -13.64 -17.57
C TYR A 152 18.96 -12.91 -16.47
N HIS A 153 18.70 -13.63 -15.40
CA HIS A 153 17.95 -13.07 -14.33
C HIS A 153 18.74 -12.93 -13.06
N HIS A 154 18.05 -12.43 -12.04
CA HIS A 154 18.62 -12.17 -10.76
C HIS A 154 17.99 -13.04 -9.67
N ILE A 155 18.70 -14.08 -9.30
CA ILE A 155 18.28 -14.94 -8.22
C ILE A 155 18.79 -14.38 -6.90
N LEU A 156 17.85 -14.16 -6.01
CA LEU A 156 18.11 -13.69 -4.70
C LEU A 156 17.57 -14.72 -3.71
N THR A 157 18.42 -15.28 -2.88
CA THR A 157 18.04 -16.25 -1.87
C THR A 157 18.32 -15.75 -0.47
N ILE A 158 17.54 -16.24 0.48
CA ILE A 158 17.56 -15.72 1.82
C ILE A 158 17.64 -16.88 2.80
N GLU A 159 18.77 -17.57 2.86
CA GLU A 159 18.87 -18.78 3.67
C GLU A 159 19.39 -18.54 5.09
N ASP A 160 19.14 -19.54 5.95
CA ASP A 160 19.53 -19.49 7.35
C ASP A 160 19.91 -20.88 7.85
N PRO A 161 21.19 -21.24 7.69
CA PRO A 161 22.19 -20.52 6.96
C PRO A 161 22.14 -20.99 5.53
N ILE A 162 23.08 -20.52 4.72
CA ILE A 162 23.11 -20.82 3.28
C ILE A 162 23.35 -22.29 2.97
N GLU A 163 22.48 -22.81 2.13
CA GLU A 163 22.47 -24.20 1.73
C GLU A 163 23.67 -24.52 0.86
N PHE A 164 23.43 -24.51 -0.45
CA PHE A 164 24.45 -24.69 -1.47
C PHE A 164 24.86 -23.33 -1.94
N VAL A 165 26.10 -23.18 -2.37
CA VAL A 165 26.56 -21.89 -2.88
C VAL A 165 26.58 -21.98 -4.40
N HIS A 166 25.99 -20.99 -5.07
CA HIS A 166 25.90 -21.02 -6.51
C HIS A 166 26.91 -20.06 -7.13
N GLU A 167 27.37 -20.36 -8.33
CA GLU A 167 28.26 -19.46 -9.04
C GLU A 167 27.38 -18.65 -10.01
N SER A 168 27.46 -17.33 -9.99
CA SER A 168 26.70 -16.55 -10.94
C SER A 168 27.05 -16.96 -12.34
N LYS A 169 26.12 -17.61 -13.02
CA LYS A 169 26.34 -17.96 -14.41
C LYS A 169 25.61 -17.01 -15.34
N LYS A 170 24.43 -17.38 -15.82
CA LYS A 170 23.68 -16.42 -16.60
C LYS A 170 22.93 -15.47 -15.68
N CYS A 171 22.88 -15.86 -14.42
CA CYS A 171 22.15 -15.12 -13.43
C CYS A 171 23.09 -14.39 -12.49
N LEU A 172 22.64 -13.21 -12.07
CA LEU A 172 23.19 -12.64 -10.88
C LEU A 172 22.58 -13.42 -9.73
N VAL A 173 23.42 -14.15 -9.00
CA VAL A 173 22.99 -14.84 -7.78
C VAL A 173 23.51 -14.11 -6.52
N ASN A 174 22.57 -13.67 -5.69
CA ASN A 174 22.91 -13.05 -4.44
C ASN A 174 22.32 -13.85 -3.32
N GLN A 175 23.18 -14.48 -2.54
CA GLN A 175 22.67 -15.24 -1.41
C GLN A 175 22.97 -14.49 -0.11
N ARG A 176 21.93 -14.32 0.70
CA ARG A 176 22.05 -13.59 1.93
C ARG A 176 21.86 -14.56 3.09
N GLU A 177 22.86 -14.66 3.97
CA GLU A 177 22.75 -15.54 5.13
C GLU A 177 22.20 -14.81 6.33
N VAL A 178 20.99 -15.17 6.72
CA VAL A 178 20.36 -14.62 7.90
C VAL A 178 21.34 -14.63 9.06
N HIS A 179 21.34 -13.53 9.82
CA HIS A 179 22.19 -13.36 11.01
C HIS A 179 23.57 -12.86 10.69
N ARG A 180 23.97 -12.94 9.44
CA ARG A 180 25.28 -12.48 9.03
C ARG A 180 25.13 -11.39 8.01
N ASP A 181 24.35 -11.67 6.97
CA ASP A 181 24.17 -10.74 5.90
C ASP A 181 22.92 -9.93 6.12
N THR A 182 22.10 -10.37 7.06
CA THR A 182 20.77 -9.79 7.21
C THR A 182 20.24 -10.13 8.59
N LEU A 183 19.33 -9.30 9.11
CA LEU A 183 18.88 -9.48 10.47
C LEU A 183 17.85 -10.56 10.62
N GLY A 184 17.11 -10.83 9.55
CA GLY A 184 16.10 -11.87 9.58
C GLY A 184 15.36 -11.99 8.28
N PHE A 185 14.58 -13.06 8.15
CA PHE A 185 13.83 -13.31 6.90
C PHE A 185 12.93 -12.14 6.49
N SER A 186 12.25 -11.55 7.46
CA SER A 186 11.30 -10.49 7.16
C SER A 186 12.04 -9.24 6.68
N GLU A 187 13.01 -8.78 7.47
CA GLU A 187 13.83 -7.65 7.07
C GLU A 187 14.38 -7.91 5.67
N ALA A 188 15.05 -9.05 5.49
CA ALA A 188 15.63 -9.37 4.21
C ALA A 188 14.58 -9.37 3.11
N LEU A 189 13.47 -10.05 3.36
CA LEU A 189 12.41 -10.12 2.38
C LEU A 189 11.99 -8.72 1.92
N ARG A 190 11.66 -7.83 2.85
CA ARG A 190 11.25 -6.49 2.45
C ARG A 190 12.27 -5.90 1.49
N SER A 191 13.53 -5.81 1.90
CA SER A 191 14.57 -5.29 1.01
C SER A 191 14.46 -5.92 -0.35
N ALA A 192 14.28 -7.23 -0.37
CA ALA A 192 14.23 -7.96 -1.63
C ALA A 192 13.29 -7.30 -2.59
N LEU A 193 12.18 -6.78 -2.07
CA LEU A 193 11.15 -6.23 -2.94
C LEU A 193 11.61 -4.99 -3.67
N ARG A 194 12.88 -4.67 -3.51
CA ARG A 194 13.44 -3.47 -4.09
C ARG A 194 14.95 -3.70 -4.29
N GLU A 195 15.28 -4.90 -4.74
CA GLU A 195 16.63 -5.27 -5.02
C GLU A 195 16.57 -5.82 -6.41
N ASP A 196 15.45 -5.59 -7.08
CA ASP A 196 15.30 -5.98 -8.48
C ASP A 196 15.58 -7.46 -8.66
N PRO A 197 15.02 -8.32 -7.80
CA PRO A 197 15.12 -9.78 -7.99
C PRO A 197 14.10 -10.35 -8.99
N ASP A 198 14.51 -11.34 -9.73
CA ASP A 198 13.61 -12.10 -10.56
C ASP A 198 13.06 -13.27 -9.74
N ILE A 199 13.97 -14.04 -9.19
CA ILE A 199 13.61 -15.21 -8.46
C ILE A 199 14.07 -15.03 -7.04
N ILE A 200 13.21 -15.35 -6.09
CA ILE A 200 13.59 -15.27 -4.70
C ILE A 200 13.47 -16.63 -4.06
N LEU A 201 14.56 -17.12 -3.49
CA LEU A 201 14.46 -18.28 -2.65
C LEU A 201 14.32 -17.88 -1.19
N VAL A 202 13.16 -18.16 -0.60
CA VAL A 202 13.04 -18.09 0.86
C VAL A 202 13.44 -19.43 1.50
N GLY A 203 14.55 -19.43 2.23
CA GLY A 203 14.93 -20.58 3.04
C GLY A 203 13.79 -21.33 3.73
N GLU A 204 13.37 -20.88 4.89
CA GLU A 204 12.35 -21.57 5.63
C GLU A 204 11.22 -20.60 5.82
N MET A 205 10.07 -21.10 6.26
CA MET A 205 8.95 -20.21 6.58
C MET A 205 9.09 -19.87 8.05
N ARG A 206 10.10 -19.06 8.33
CA ARG A 206 10.49 -18.74 9.69
C ARG A 206 9.29 -18.34 10.57
N ASP A 207 8.29 -17.69 10.01
CA ASP A 207 7.13 -17.23 10.78
C ASP A 207 6.02 -16.63 9.92
N LEU A 208 4.85 -16.39 10.52
CA LEU A 208 3.72 -15.82 9.79
C LEU A 208 4.15 -14.73 8.84
N GLU A 209 4.88 -13.74 9.35
CA GLU A 209 5.19 -12.57 8.52
C GLU A 209 6.07 -12.99 7.33
N THR A 210 6.96 -13.95 7.55
CA THR A 210 7.72 -14.51 6.44
C THR A 210 6.76 -15.04 5.37
N ILE A 211 5.71 -15.72 5.79
CA ILE A 211 4.72 -16.21 4.85
C ILE A 211 4.02 -15.01 4.20
N ARG A 212 3.35 -14.23 5.03
CA ARG A 212 2.72 -13.02 4.56
C ARG A 212 3.55 -12.38 3.44
N LEU A 213 4.74 -11.92 3.81
CA LEU A 213 5.68 -11.30 2.87
C LEU A 213 5.98 -12.16 1.62
N ALA A 214 6.36 -13.42 1.85
CA ALA A 214 6.70 -14.32 0.77
C ALA A 214 5.57 -14.30 -0.26
N LEU A 215 4.34 -14.23 0.22
CA LEU A 215 3.19 -14.24 -0.67
C LEU A 215 3.08 -12.98 -1.54
N THR A 216 3.25 -11.82 -0.89
CA THR A 216 3.20 -10.56 -1.61
C THR A 216 4.28 -10.48 -2.66
N ALA A 217 5.40 -11.14 -2.39
CA ALA A 217 6.45 -11.28 -3.37
C ALA A 217 5.93 -12.06 -4.58
N ALA A 218 5.29 -13.20 -4.33
CA ALA A 218 4.72 -13.97 -5.41
C ALA A 218 3.65 -13.17 -6.12
N GLU A 219 2.96 -12.34 -5.36
CA GLU A 219 1.81 -11.66 -5.90
C GLU A 219 2.22 -10.47 -6.79
N THR A 220 3.29 -9.78 -6.39
CA THR A 220 3.67 -8.56 -7.07
C THR A 220 4.50 -8.86 -8.32
N GLY A 221 4.72 -10.14 -8.59
CA GLY A 221 5.36 -10.55 -9.83
C GLY A 221 6.80 -11.01 -9.67
N HIS A 222 7.05 -11.99 -8.83
CA HIS A 222 8.35 -12.62 -8.81
C HIS A 222 8.08 -14.06 -8.70
N LEU A 223 8.90 -14.89 -9.32
CA LEU A 223 8.89 -16.30 -8.98
C LEU A 223 9.47 -16.41 -7.57
N VAL A 224 8.75 -17.08 -6.68
CA VAL A 224 9.24 -17.28 -5.32
C VAL A 224 9.37 -18.76 -4.97
N PHE A 225 10.52 -19.12 -4.43
CA PHE A 225 10.71 -20.49 -3.97
C PHE A 225 10.67 -20.59 -2.46
N GLY A 226 9.88 -21.51 -1.93
CA GLY A 226 9.85 -21.74 -0.49
C GLY A 226 9.76 -23.20 -0.20
N THR A 227 9.94 -23.58 1.07
CA THR A 227 9.85 -25.00 1.40
C THR A 227 9.21 -25.26 2.73
N LEU A 228 8.47 -26.38 2.81
CA LEU A 228 7.89 -26.86 4.07
C LEU A 228 8.35 -28.27 4.41
N HIS A 229 7.94 -28.73 5.56
CA HIS A 229 8.22 -30.08 5.97
C HIS A 229 7.06 -30.97 5.66
N THR A 230 6.02 -30.38 5.08
CA THR A 230 4.85 -31.15 4.67
C THR A 230 5.26 -32.21 3.64
N THR A 231 4.52 -33.31 3.58
CA THR A 231 4.88 -34.43 2.73
C THR A 231 3.84 -34.63 1.66
N SER A 232 2.96 -33.66 1.49
CA SER A 232 1.92 -33.77 0.50
C SER A 232 1.42 -32.39 0.07
N ALA A 233 1.20 -32.25 -1.23
CA ALA A 233 0.57 -31.06 -1.77
C ALA A 233 -0.59 -30.63 -0.87
N ALA A 234 -1.57 -31.53 -0.71
CA ALA A 234 -2.75 -31.23 0.10
C ALA A 234 -2.41 -30.74 1.50
N LYS A 235 -1.50 -31.45 2.16
CA LYS A 235 -1.09 -31.07 3.50
C LYS A 235 -0.37 -29.73 3.45
N THR A 236 0.56 -29.61 2.50
CA THR A 236 1.28 -28.36 2.32
C THR A 236 0.33 -27.16 2.33
N ILE A 237 -0.63 -27.16 1.43
CA ILE A 237 -1.63 -26.10 1.44
C ILE A 237 -2.20 -25.89 2.85
N ASP A 238 -2.96 -26.87 3.34
CA ASP A 238 -3.50 -26.80 4.69
C ASP A 238 -2.51 -26.14 5.62
N ARG A 239 -1.29 -26.67 5.64
CA ARG A 239 -0.27 -26.17 6.54
C ARG A 239 -0.12 -24.68 6.43
N VAL A 240 -0.16 -24.17 5.20
CA VAL A 240 0.09 -22.76 4.98
C VAL A 240 -1.06 -21.93 5.52
N VAL A 241 -2.26 -22.24 5.05
CA VAL A 241 -3.44 -21.49 5.47
C VAL A 241 -3.75 -21.63 6.95
N ASP A 242 -3.44 -22.78 7.52
CA ASP A 242 -3.95 -23.14 8.83
C ASP A 242 -3.19 -22.52 9.98
N VAL A 243 -2.00 -22.02 9.69
CA VAL A 243 -1.17 -21.44 10.72
C VAL A 243 -1.52 -19.96 10.95
N PHE A 244 -2.51 -19.48 10.21
CA PHE A 244 -2.96 -18.10 10.37
C PHE A 244 -4.21 -17.99 11.23
N PRO A 245 -4.29 -16.91 12.00
CA PRO A 245 -5.43 -16.63 12.83
C PRO A 245 -6.69 -16.66 11.97
N ALA A 246 -7.72 -17.31 12.48
CA ALA A 246 -9.01 -17.39 11.79
C ALA A 246 -9.29 -16.13 11.03
N GLU A 247 -9.24 -15.01 11.75
CA GLU A 247 -9.61 -13.71 11.21
C GLU A 247 -8.87 -13.33 9.94
N GLU A 248 -7.97 -14.19 9.48
CA GLU A 248 -7.10 -13.82 8.37
C GLU A 248 -6.89 -14.90 7.29
N LYS A 249 -7.45 -16.08 7.52
CA LYS A 249 -7.29 -17.19 6.58
C LYS A 249 -7.75 -16.80 5.17
N ALA A 250 -8.99 -16.33 5.07
CA ALA A 250 -9.55 -15.89 3.80
C ALA A 250 -8.49 -15.25 2.94
N MET A 251 -7.93 -14.14 3.45
CA MET A 251 -7.00 -13.33 2.68
C MET A 251 -5.77 -14.12 2.28
N VAL A 252 -5.39 -15.07 3.12
CA VAL A 252 -4.27 -15.96 2.80
C VAL A 252 -4.70 -17.01 1.78
N ARG A 253 -5.75 -17.76 2.11
CA ARG A 253 -6.28 -18.77 1.21
C ARG A 253 -6.57 -18.16 -0.15
N SER A 254 -7.08 -16.94 -0.15
CA SER A 254 -7.35 -16.25 -1.39
C SER A 254 -6.07 -15.99 -2.14
N MET A 255 -5.13 -15.33 -1.49
CA MET A 255 -3.84 -15.05 -2.09
C MET A 255 -3.26 -16.30 -2.71
N LEU A 256 -2.94 -17.26 -1.85
CA LEU A 256 -2.32 -18.51 -2.25
C LEU A 256 -2.97 -19.06 -3.52
N SER A 257 -4.28 -19.26 -3.44
CA SER A 257 -5.07 -19.76 -4.58
C SER A 257 -4.78 -19.02 -5.89
N GLU A 258 -4.16 -17.86 -5.80
CA GLU A 258 -3.93 -17.07 -6.99
C GLU A 258 -2.51 -17.14 -7.46
N SER A 259 -1.60 -17.35 -6.53
CA SER A 259 -0.15 -17.25 -6.80
C SER A 259 0.51 -18.64 -6.79
N LEU A 260 -0.22 -19.64 -6.27
CA LEU A 260 0.36 -20.98 -6.20
C LEU A 260 0.58 -21.52 -7.60
N GLN A 261 1.83 -21.76 -7.92
CA GLN A 261 2.14 -22.15 -9.26
C GLN A 261 2.31 -23.65 -9.29
N SER A 262 2.76 -24.20 -8.19
CA SER A 262 3.02 -25.63 -8.12
C SER A 262 3.55 -26.05 -6.78
N VAL A 263 3.27 -27.27 -6.40
CA VAL A 263 3.79 -27.80 -5.16
C VAL A 263 4.47 -29.13 -5.40
N ILE A 264 5.69 -29.27 -4.90
CA ILE A 264 6.40 -30.53 -5.01
C ILE A 264 6.82 -31.07 -3.66
N SER A 265 6.33 -32.25 -3.32
CA SER A 265 6.65 -32.89 -2.08
C SER A 265 7.50 -34.09 -2.39
N GLN A 266 8.61 -34.22 -1.69
CA GLN A 266 9.63 -35.18 -2.07
C GLN A 266 9.90 -36.17 -0.94
N THR A 267 10.72 -37.18 -1.20
CA THR A 267 11.11 -38.12 -0.17
C THR A 267 12.08 -39.16 -0.73
N LEU A 268 13.03 -39.58 0.11
CA LEU A 268 14.07 -40.52 -0.32
C LEU A 268 13.74 -41.97 -0.04
N ILE A 269 14.11 -42.86 -0.96
CA ILE A 269 13.84 -44.29 -0.75
C ILE A 269 15.08 -45.11 -1.06
N LYS A 270 15.28 -46.20 -0.34
CA LYS A 270 16.48 -47.00 -0.49
C LYS A 270 16.53 -47.68 -1.85
N LYS A 271 17.44 -47.24 -2.67
CA LYS A 271 17.56 -47.75 -4.01
C LYS A 271 17.89 -49.24 -4.01
N GLY A 275 21.72 -47.37 -3.18
CA GLY A 275 21.65 -45.98 -2.70
C GLY A 275 20.28 -45.53 -2.34
N ARG A 276 20.04 -44.25 -2.43
CA ARG A 276 18.67 -44.14 -2.46
C ARG A 276 18.19 -43.21 -3.57
N VAL A 277 16.89 -43.17 -3.79
CA VAL A 277 16.32 -42.43 -4.90
C VAL A 277 15.07 -41.64 -4.48
N ALA A 278 14.85 -40.49 -5.12
CA ALA A 278 13.82 -39.59 -4.65
C ALA A 278 12.48 -39.82 -5.32
N ALA A 279 11.41 -39.78 -4.52
CA ALA A 279 10.10 -39.86 -5.05
C ALA A 279 9.47 -38.48 -4.89
N HIS A 280 8.86 -37.98 -5.96
CA HIS A 280 8.22 -36.68 -5.93
C HIS A 280 6.72 -36.76 -6.17
N GLU A 281 5.94 -36.12 -5.30
CA GLU A 281 4.57 -35.82 -5.63
C GLU A 281 4.54 -34.46 -6.30
N ILE A 282 3.91 -34.36 -7.46
CA ILE A 282 3.94 -33.12 -8.19
C ILE A 282 2.52 -32.62 -8.44
N MET A 283 2.28 -31.38 -8.05
CA MET A 283 0.99 -30.75 -8.22
C MET A 283 1.19 -29.42 -8.92
N ILE A 284 0.46 -29.19 -10.01
CA ILE A 284 0.65 -27.97 -10.78
C ILE A 284 -0.55 -27.05 -10.75
N GLY A 285 -0.29 -25.74 -10.70
CA GLY A 285 -1.33 -24.73 -10.72
C GLY A 285 -2.28 -24.98 -11.86
N THR A 286 -3.57 -24.75 -11.63
CA THR A 286 -4.58 -25.09 -12.62
C THR A 286 -5.92 -24.51 -12.23
N PRO A 287 -6.51 -23.71 -13.12
CA PRO A 287 -7.77 -23.05 -12.89
C PRO A 287 -8.69 -23.85 -11.97
N ALA A 288 -8.84 -25.14 -12.24
CA ALA A 288 -9.68 -25.97 -11.37
C ALA A 288 -9.16 -25.96 -9.93
N ILE A 289 -7.89 -26.34 -9.77
CA ILE A 289 -7.30 -26.44 -8.46
C ILE A 289 -7.30 -25.09 -7.76
N ARG A 290 -7.00 -24.03 -8.50
CA ARG A 290 -7.11 -22.68 -7.99
C ARG A 290 -8.37 -22.59 -7.13
N ASN A 291 -9.54 -22.77 -7.76
CA ASN A 291 -10.80 -22.74 -7.03
C ASN A 291 -10.73 -23.59 -5.80
N LEU A 292 -10.46 -24.88 -6.01
CA LEU A 292 -10.30 -25.81 -4.93
C LEU A 292 -9.66 -25.13 -3.73
N ILE A 293 -8.70 -24.24 -4.01
CA ILE A 293 -8.03 -23.50 -2.96
C ILE A 293 -8.84 -22.32 -2.51
N ARG A 294 -9.13 -21.39 -3.44
CA ARG A 294 -9.93 -20.23 -3.08
C ARG A 294 -11.08 -20.73 -2.23
N GLU A 295 -11.98 -21.49 -2.84
CA GLU A 295 -12.97 -22.26 -2.08
C GLU A 295 -12.17 -23.17 -1.15
N ASP A 296 -12.84 -23.82 -0.21
CA ASP A 296 -12.11 -24.57 0.79
C ASP A 296 -11.97 -26.04 0.44
N LYS A 297 -12.48 -26.40 -0.73
CA LYS A 297 -12.55 -27.79 -1.14
C LYS A 297 -11.20 -28.41 -1.49
N VAL A 298 -10.20 -28.23 -0.62
CA VAL A 298 -8.88 -28.77 -0.90
C VAL A 298 -8.89 -30.29 -0.80
N ALA A 299 -9.85 -30.79 -0.04
CA ALA A 299 -10.04 -32.23 0.05
C ALA A 299 -9.93 -32.84 -1.35
N GLN A 300 -10.85 -32.45 -2.24
CA GLN A 300 -10.86 -32.99 -3.61
C GLN A 300 -9.69 -32.49 -4.46
N MET A 301 -8.49 -32.69 -3.97
CA MET A 301 -7.32 -32.21 -4.65
C MET A 301 -6.65 -33.40 -5.26
N TYR A 302 -6.54 -34.43 -4.43
CA TYR A 302 -5.94 -35.66 -4.83
C TYR A 302 -6.37 -36.16 -6.20
N SER A 303 -7.67 -36.34 -6.42
CA SER A 303 -8.14 -36.89 -7.67
C SER A 303 -7.82 -35.92 -8.79
N ALA A 304 -7.83 -34.63 -8.45
CA ALA A 304 -7.39 -33.56 -9.35
C ALA A 304 -6.00 -33.82 -9.85
N ILE A 305 -5.08 -34.20 -8.96
CA ILE A 305 -3.70 -34.43 -9.38
C ILE A 305 -3.63 -35.69 -10.23
N GLN A 306 -4.45 -36.66 -9.86
CA GLN A 306 -4.43 -37.95 -10.49
C GLN A 306 -4.89 -37.90 -11.92
N THR A 307 -5.69 -36.90 -12.24
CA THR A 307 -6.10 -36.68 -13.61
C THR A 307 -5.28 -35.58 -14.26
N GLY A 308 -4.33 -35.05 -13.51
CA GLY A 308 -3.45 -33.96 -13.98
C GLY A 308 -2.25 -34.49 -14.76
N GLY A 309 -2.19 -35.81 -14.90
CA GLY A 309 -1.12 -36.42 -15.70
C GLY A 309 -0.50 -35.58 -16.82
N SER A 310 -1.31 -34.98 -17.68
CA SER A 310 -0.77 -34.40 -18.91
C SER A 310 -0.03 -33.09 -18.73
N LEU A 311 -0.29 -32.38 -17.64
CA LEU A 311 0.59 -31.25 -17.26
C LEU A 311 1.83 -31.83 -16.60
N GLY A 312 1.79 -33.14 -16.35
CA GLY A 312 2.90 -33.83 -15.76
C GLY A 312 2.78 -33.98 -14.26
N MET A 313 1.58 -33.82 -13.69
CA MET A 313 1.38 -33.98 -12.23
C MET A 313 1.43 -35.43 -11.85
N GLN A 314 1.57 -35.71 -10.56
CA GLN A 314 1.57 -37.11 -10.14
C GLN A 314 1.38 -37.27 -8.64
N THR A 315 0.56 -38.25 -8.26
CA THR A 315 0.50 -38.68 -6.88
C THR A 315 1.86 -39.21 -6.47
N LEU A 316 2.17 -39.09 -5.20
CA LEU A 316 3.38 -39.72 -4.67
C LEU A 316 3.30 -41.24 -4.87
N ASP A 317 2.24 -41.85 -4.36
CA ASP A 317 2.06 -43.26 -4.58
C ASP A 317 2.26 -43.58 -6.07
N MET A 318 1.54 -42.86 -6.91
CA MET A 318 1.67 -43.06 -8.33
C MET A 318 3.14 -43.14 -8.70
N CYS A 319 3.88 -42.14 -8.24
CA CYS A 319 5.30 -42.05 -8.52
C CYS A 319 6.00 -43.30 -8.01
N LEU A 320 5.69 -43.66 -6.76
CA LEU A 320 6.28 -44.83 -6.14
C LEU A 320 6.24 -46.06 -7.05
N LYS A 321 5.03 -46.50 -7.39
CA LYS A 321 4.88 -47.68 -8.26
C LYS A 321 5.85 -47.62 -9.44
N GLY A 322 5.94 -46.47 -10.10
CA GLY A 322 6.95 -46.30 -11.14
C GLY A 322 8.27 -46.91 -10.71
N LEU A 323 8.73 -46.51 -9.53
CA LEU A 323 10.03 -46.91 -9.09
C LEU A 323 10.22 -48.42 -8.99
N VAL A 324 9.21 -49.18 -9.40
CA VAL A 324 9.41 -50.64 -9.61
C VAL A 324 10.50 -50.88 -10.65
N ALA A 325 10.26 -50.37 -11.87
CA ALA A 325 11.28 -50.27 -12.92
C ALA A 325 12.75 -50.27 -12.43
N LEU A 328 14.22 -47.84 -9.77
CA LEU A 328 14.80 -48.96 -9.03
C LEU A 328 13.87 -49.41 -7.88
N ILE A 329 14.22 -49.02 -6.66
CA ILE A 329 13.32 -49.19 -5.49
C ILE A 329 12.77 -50.61 -5.34
N SER A 330 11.89 -50.80 -4.35
CA SER A 330 11.21 -52.07 -4.17
C SER A 330 9.86 -51.84 -3.54
N ARG A 331 9.10 -52.90 -3.42
CA ARG A 331 7.77 -52.83 -2.85
C ARG A 331 7.87 -52.69 -1.35
N GLU A 332 8.60 -53.62 -0.76
CA GLU A 332 8.68 -53.65 0.69
C GLU A 332 8.71 -52.21 1.21
N ASN A 333 9.79 -51.50 0.91
CA ASN A 333 9.94 -50.12 1.34
C ASN A 333 8.78 -49.26 0.87
N ALA A 334 8.60 -49.21 -0.45
CA ALA A 334 7.54 -48.41 -1.04
C ALA A 334 6.28 -48.43 -0.18
N ARG A 335 5.85 -49.61 0.23
CA ARG A 335 4.69 -49.70 1.09
C ARG A 335 4.89 -48.70 2.24
N GLU A 336 6.11 -48.68 2.80
CA GLU A 336 6.45 -47.88 3.97
C GLU A 336 6.30 -46.36 3.82
N LYS A 337 6.07 -45.90 2.60
CA LYS A 337 5.96 -44.45 2.34
C LYS A 337 4.73 -44.09 1.51
N ALA A 338 4.15 -45.08 0.85
CA ALA A 338 2.85 -44.92 0.17
C ALA A 338 1.87 -44.15 1.04
N LYS A 339 0.95 -43.40 0.43
CA LYS A 339 -0.12 -42.80 1.22
C LYS A 339 -1.20 -43.84 1.52
N ILE A 340 -1.39 -44.76 0.57
CA ILE A 340 -2.36 -45.87 0.74
C ILE A 340 -1.75 -47.24 0.39
N PRO A 341 -1.09 -47.89 1.36
CA PRO A 341 -0.41 -49.18 1.12
C PRO A 341 -1.32 -50.24 0.49
N GLU A 342 -0.78 -50.96 -0.48
CA GLU A 342 -1.58 -51.83 -1.31
C GLU A 342 -0.72 -52.26 -2.50
N MET B 1 37.87 5.13 -11.68
CA MET B 1 36.53 4.85 -12.27
C MET B 1 35.47 4.72 -11.16
N ASP B 2 34.51 5.64 -11.16
CA ASP B 2 33.60 5.80 -10.04
C ASP B 2 32.17 5.50 -10.45
N ILE B 3 31.29 5.52 -9.47
CA ILE B 3 29.94 5.06 -9.69
C ILE B 3 29.13 5.97 -10.61
N THR B 4 29.53 7.23 -10.71
CA THR B 4 28.82 8.11 -11.64
C THR B 4 29.01 7.64 -13.07
N GLU B 5 30.26 7.51 -13.50
CA GLU B 5 30.53 7.02 -14.84
C GLU B 5 29.62 5.85 -15.11
N LEU B 6 29.60 4.88 -14.19
CA LEU B 6 28.77 3.71 -14.35
C LEU B 6 27.31 4.07 -14.53
N LEU B 7 26.76 4.74 -13.52
CA LEU B 7 25.37 5.15 -13.58
C LEU B 7 25.09 5.86 -14.89
N ALA B 8 25.89 6.85 -15.21
CA ALA B 8 25.75 7.53 -16.48
C ALA B 8 25.62 6.52 -17.61
N PHE B 9 26.54 5.57 -17.64
CA PHE B 9 26.56 4.55 -18.68
C PHE B 9 25.25 3.73 -18.71
N SER B 10 24.75 3.36 -17.55
CA SER B 10 23.45 2.68 -17.48
C SER B 10 22.40 3.42 -18.28
N ALA B 11 22.20 4.69 -17.92
CA ALA B 11 21.24 5.53 -18.60
C ALA B 11 21.47 5.50 -20.09
N LYS B 12 22.65 5.87 -20.53
CA LYS B 12 22.90 5.87 -21.95
C LYS B 12 22.57 4.52 -22.55
N GLN B 13 22.48 3.47 -21.73
CA GLN B 13 22.18 2.14 -22.27
C GLN B 13 20.70 1.79 -22.19
N GLY B 14 19.92 2.69 -21.64
CA GLY B 14 18.53 2.43 -21.41
C GLY B 14 18.33 1.44 -20.28
N ALA B 15 19.34 1.27 -19.43
CA ALA B 15 19.20 0.30 -18.32
C ALA B 15 18.13 0.73 -17.33
N SER B 16 17.32 -0.22 -16.90
CA SER B 16 16.36 0.07 -15.85
C SER B 16 17.02 -0.11 -14.49
N ASP B 17 17.99 -1.03 -14.41
CA ASP B 17 18.75 -1.22 -13.17
C ASP B 17 20.25 -1.39 -13.35
N LEU B 18 21.01 -0.86 -12.39
CA LEU B 18 22.42 -1.18 -12.26
C LEU B 18 22.59 -2.02 -11.00
N HIS B 19 23.29 -3.14 -11.16
CA HIS B 19 23.55 -4.07 -10.07
C HIS B 19 25.03 -4.12 -9.76
N LEU B 20 25.38 -3.90 -8.50
CA LEU B 20 26.75 -4.12 -8.05
C LEU B 20 26.77 -5.31 -7.13
N SER B 21 27.66 -6.25 -7.37
CA SER B 21 27.70 -7.44 -6.52
C SER B 21 29.12 -7.88 -6.37
N ALA B 22 29.62 -7.79 -5.15
CA ALA B 22 31.00 -8.17 -4.89
C ALA B 22 31.25 -9.53 -5.51
N GLY B 23 32.25 -9.60 -6.39
CA GLY B 23 32.60 -10.83 -7.04
C GLY B 23 32.26 -10.84 -8.51
N LEU B 24 31.51 -9.84 -8.98
CA LEU B 24 31.15 -9.81 -10.38
C LEU B 24 31.29 -8.42 -10.89
N PRO B 25 31.55 -8.28 -12.18
CA PRO B 25 31.53 -6.97 -12.82
C PRO B 25 30.13 -6.36 -12.69
N PRO B 26 30.04 -5.03 -12.78
CA PRO B 26 28.74 -4.37 -12.77
C PRO B 26 27.85 -4.94 -13.88
N MET B 27 26.56 -5.04 -13.61
CA MET B 27 25.62 -5.50 -14.61
C MET B 27 24.42 -4.59 -14.64
N ILE B 28 23.79 -4.51 -15.81
CA ILE B 28 22.62 -3.70 -15.93
C ILE B 28 21.47 -4.53 -16.45
N ARG B 29 20.26 -4.23 -16.00
CA ARG B 29 19.10 -4.87 -16.58
C ARG B 29 18.62 -4.00 -17.73
N VAL B 30 18.50 -4.57 -18.91
CA VAL B 30 17.96 -3.85 -20.04
C VAL B 30 16.95 -4.69 -20.79
N ASP B 31 15.80 -4.11 -21.07
CA ASP B 31 14.67 -4.86 -21.62
C ASP B 31 14.46 -6.14 -20.82
N GLY B 32 14.66 -6.05 -19.52
CA GLY B 32 14.33 -7.17 -18.66
C GLY B 32 15.49 -8.09 -18.39
N ASP B 33 16.50 -8.08 -19.25
CA ASP B 33 17.67 -8.91 -19.01
C ASP B 33 18.77 -8.23 -18.21
N VAL B 34 19.49 -9.04 -17.47
CA VAL B 34 20.53 -8.53 -16.61
C VAL B 34 21.83 -9.06 -17.13
N ARG B 35 22.72 -8.14 -17.48
CA ARG B 35 23.93 -8.55 -18.19
C ARG B 35 25.21 -7.81 -17.78
N ARG B 36 26.33 -8.52 -17.79
CA ARG B 36 27.55 -7.90 -17.30
C ARG B 36 28.02 -6.82 -18.24
N ILE B 37 28.48 -5.72 -17.68
CA ILE B 37 29.18 -4.72 -18.46
C ILE B 37 30.60 -5.22 -18.75
N ASN B 38 31.19 -4.76 -19.83
CA ASN B 38 32.48 -5.31 -20.18
C ASN B 38 33.58 -4.71 -19.33
N LEU B 39 33.58 -5.07 -18.05
CA LEU B 39 34.50 -4.49 -17.07
C LEU B 39 34.94 -5.57 -16.11
N PRO B 40 36.07 -5.37 -15.42
CA PRO B 40 36.61 -6.42 -14.54
C PRO B 40 35.71 -6.64 -13.34
N PRO B 41 35.73 -7.84 -12.77
CA PRO B 41 34.84 -8.13 -11.63
C PRO B 41 35.13 -7.15 -10.51
N LEU B 42 34.10 -6.76 -9.75
CA LEU B 42 34.35 -5.92 -8.57
C LEU B 42 34.49 -6.71 -7.28
N GLU B 43 35.70 -6.70 -6.74
CA GLU B 43 35.97 -7.31 -5.44
C GLU B 43 35.22 -6.59 -4.32
N HIS B 44 35.01 -7.29 -3.21
CA HIS B 44 34.27 -6.72 -2.11
C HIS B 44 34.70 -5.30 -1.82
N LYS B 45 35.98 -5.12 -1.50
CA LYS B 45 36.51 -3.82 -1.21
C LYS B 45 35.98 -2.75 -2.16
N GLN B 46 36.05 -3.02 -3.45
CA GLN B 46 35.68 -2.02 -4.44
C GLN B 46 34.24 -1.62 -4.32
N VAL B 47 33.34 -2.59 -4.42
CA VAL B 47 31.93 -2.26 -4.40
C VAL B 47 31.62 -1.52 -3.09
N HIS B 48 32.16 -2.02 -2.00
CA HIS B 48 31.92 -1.38 -0.73
C HIS B 48 32.43 0.06 -0.75
N ALA B 49 33.59 0.26 -1.38
CA ALA B 49 34.12 1.60 -1.59
C ALA B 49 33.10 2.43 -2.36
N LEU B 50 32.89 2.04 -3.61
CA LEU B 50 31.90 2.68 -4.46
C LEU B 50 30.64 3.10 -3.71
N ILE B 51 30.13 2.20 -2.89
CA ILE B 51 28.90 2.49 -2.15
C ILE B 51 29.07 3.60 -1.12
N TYR B 52 29.96 3.39 -0.15
CA TYR B 52 30.24 4.39 0.87
C TYR B 52 30.50 5.76 0.29
N ASP B 53 31.16 5.77 -0.86
CA ASP B 53 31.49 7.01 -1.53
C ASP B 53 30.27 7.87 -1.81
N ILE B 54 29.09 7.28 -1.86
CA ILE B 54 27.90 8.07 -2.14
C ILE B 54 26.86 8.06 -1.01
N MET B 55 27.22 7.49 0.13
CA MET B 55 26.34 7.55 1.28
C MET B 55 26.80 8.66 2.26
N ASN B 56 25.93 9.02 3.19
CA ASN B 56 26.30 9.93 4.27
C ASN B 56 26.29 9.17 5.57
N ASP B 57 26.64 9.84 6.64
CA ASP B 57 26.69 9.17 7.93
C ASP B 57 25.46 8.29 8.15
N LYS B 58 24.29 8.92 8.30
CA LYS B 58 23.08 8.19 8.60
C LYS B 58 23.06 6.88 7.83
N GLN B 59 23.03 7.01 6.51
CA GLN B 59 23.01 5.88 5.61
C GLN B 59 24.09 4.88 5.94
N ARG B 60 25.31 5.37 6.10
CA ARG B 60 26.41 4.49 6.46
C ARG B 60 26.19 3.86 7.81
N LYS B 61 25.56 4.60 8.72
CA LYS B 61 25.24 4.07 10.03
C LYS B 61 24.22 2.93 9.96
N ASP B 62 23.12 3.16 9.27
CA ASP B 62 22.15 2.10 9.05
C ASP B 62 22.84 0.89 8.43
N PHE B 63 23.32 1.07 7.22
CA PHE B 63 23.90 -0.04 6.50
C PHE B 63 24.69 -0.94 7.45
N GLU B 64 25.43 -0.31 8.34
CA GLU B 64 26.28 -1.06 9.23
C GLU B 64 25.51 -1.61 10.40
N GLU B 65 24.51 -0.86 10.87
CA GLU B 65 23.68 -1.30 11.96
C GLU B 65 22.74 -2.41 11.54
N PHE B 66 22.15 -2.27 10.36
CA PHE B 66 21.06 -3.15 9.94
C PHE B 66 21.43 -3.93 8.71
N LEU B 67 22.72 -3.93 8.40
CA LEU B 67 23.25 -4.72 7.31
C LEU B 67 22.63 -4.42 5.94
N GLU B 68 21.66 -3.51 5.91
CA GLU B 68 21.12 -3.09 4.63
C GLU B 68 20.44 -1.76 4.81
N THR B 69 20.27 -1.01 3.71
CA THR B 69 19.64 0.30 3.79
C THR B 69 19.20 0.82 2.43
N ASP B 70 18.25 1.76 2.44
CA ASP B 70 17.78 2.42 1.21
C ASP B 70 17.96 3.91 1.26
N PHE B 71 18.15 4.50 0.10
CA PHE B 71 18.25 5.95 0.00
C PHE B 71 18.22 6.24 -1.49
N SER B 72 18.01 7.49 -1.86
CA SER B 72 18.06 7.83 -3.26
C SER B 72 19.34 8.63 -3.51
N PHE B 73 19.69 8.77 -4.77
CA PHE B 73 20.97 9.34 -5.13
C PHE B 73 20.80 9.90 -6.52
N GLU B 74 21.28 11.13 -6.73
CA GLU B 74 21.11 11.78 -8.02
C GLU B 74 22.38 12.03 -8.82
N VAL B 75 22.30 11.73 -10.12
CA VAL B 75 23.35 12.12 -11.06
C VAL B 75 22.85 13.32 -11.86
N PRO B 76 23.40 14.51 -11.54
CA PRO B 76 22.89 15.84 -11.88
C PRO B 76 22.32 15.95 -13.30
N GLY B 77 23.15 15.73 -14.29
CA GLY B 77 22.67 15.83 -15.67
C GLY B 77 21.82 14.63 -16.06
N VAL B 78 22.09 13.49 -15.43
CA VAL B 78 21.62 12.20 -15.93
C VAL B 78 20.26 11.73 -15.38
N ALA B 79 20.25 11.27 -14.13
CA ALA B 79 19.00 10.89 -13.49
C ALA B 79 19.14 10.57 -12.01
N ARG B 80 18.00 10.39 -11.36
CA ARG B 80 17.99 10.07 -9.95
C ARG B 80 17.84 8.57 -9.84
N PHE B 81 18.39 7.99 -8.78
CA PHE B 81 18.30 6.55 -8.61
C PHE B 81 17.81 6.18 -7.25
N ARG B 82 16.90 5.21 -7.25
CA ARG B 82 16.58 4.56 -6.02
C ARG B 82 17.76 3.61 -5.77
N VAL B 83 18.16 3.46 -4.53
CA VAL B 83 19.35 2.70 -4.24
C VAL B 83 19.17 1.82 -3.02
N ASN B 84 19.35 0.53 -3.21
CA ASN B 84 19.31 -0.42 -2.09
C ASN B 84 20.66 -1.10 -1.86
N ALA B 85 21.20 -0.91 -0.67
CA ALA B 85 22.45 -1.56 -0.34
C ALA B 85 22.14 -2.73 0.58
N PHE B 86 22.89 -3.81 0.41
CA PHE B 86 22.65 -5.00 1.20
C PHE B 86 23.94 -5.80 1.19
N ASN B 87 24.01 -6.80 2.07
CA ASN B 87 25.15 -7.70 2.08
C ASN B 87 24.77 -9.08 1.69
N GLN B 88 25.65 -9.74 0.95
CA GLN B 88 25.42 -11.08 0.49
C GLN B 88 26.64 -11.92 0.80
N ASN B 89 26.56 -13.20 0.47
CA ASN B 89 27.61 -14.14 0.81
C ASN B 89 29.02 -13.77 0.34
N ARG B 90 29.10 -12.99 -0.71
CA ARG B 90 30.40 -12.65 -1.28
C ARG B 90 30.88 -11.29 -0.81
N GLY B 91 30.05 -10.57 -0.07
CA GLY B 91 30.38 -9.19 0.29
C GLY B 91 29.27 -8.21 -0.02
N ALA B 92 29.64 -6.97 -0.29
CA ALA B 92 28.64 -5.92 -0.41
C ALA B 92 27.81 -6.11 -1.66
N GLY B 93 26.66 -5.45 -1.71
CA GLY B 93 25.77 -5.55 -2.85
C GLY B 93 24.84 -4.37 -2.88
N ALA B 94 24.69 -3.79 -4.06
CA ALA B 94 23.83 -2.64 -4.21
C ALA B 94 23.14 -2.72 -5.56
N VAL B 95 21.87 -2.35 -5.58
CA VAL B 95 21.17 -2.29 -6.85
C VAL B 95 20.64 -0.87 -7.08
N PHE B 96 20.81 -0.34 -8.28
CA PHE B 96 20.32 0.99 -8.59
C PHE B 96 19.18 0.90 -9.59
N ARG B 97 18.01 1.41 -9.20
CA ARG B 97 16.89 1.45 -10.12
C ARG B 97 16.68 2.85 -10.62
N THR B 98 16.93 3.06 -11.91
CA THR B 98 16.78 4.39 -12.47
C THR B 98 15.31 4.83 -12.42
N ILE B 99 15.08 6.08 -12.02
CA ILE B 99 13.73 6.63 -11.95
C ILE B 99 13.38 7.44 -13.19
N PRO B 100 12.24 7.14 -13.80
CA PRO B 100 11.78 7.89 -14.97
C PRO B 100 11.97 9.38 -14.72
N SER B 101 12.80 10.03 -15.54
CA SER B 101 13.03 11.46 -15.36
C SER B 101 11.92 12.21 -16.02
N LYS B 102 11.68 11.90 -17.29
CA LYS B 102 10.71 12.65 -18.07
C LYS B 102 9.30 12.17 -17.83
N VAL B 103 8.37 13.10 -17.67
CA VAL B 103 6.96 12.76 -17.60
C VAL B 103 6.35 12.80 -19.03
N LEU B 104 6.27 11.66 -19.74
CA LEU B 104 5.71 11.53 -21.14
C LEU B 104 4.19 11.80 -21.43
N THR B 105 3.85 12.14 -22.68
CA THR B 105 2.46 12.47 -23.10
C THR B 105 1.49 11.32 -23.02
N MET B 106 0.20 11.63 -23.17
CA MET B 106 -0.83 10.59 -23.23
C MET B 106 -0.85 9.99 -24.61
N GLU B 107 -0.84 10.86 -25.62
CA GLU B 107 -0.71 10.40 -26.99
C GLU B 107 0.57 9.61 -27.14
N GLU B 108 1.67 10.20 -26.72
CA GLU B 108 2.93 9.48 -26.80
C GLU B 108 2.78 8.05 -26.31
N LEU B 109 1.85 7.81 -25.40
CA LEU B 109 1.63 6.45 -24.86
C LEU B 109 0.45 5.76 -25.54
N GLY B 110 -0.18 6.45 -26.49
CA GLY B 110 -1.32 5.88 -27.17
C GLY B 110 -2.47 5.54 -26.25
N MET B 111 -2.65 6.30 -25.18
CA MET B 111 -3.77 6.08 -24.28
C MET B 111 -4.99 6.83 -24.80
N GLY B 112 -6.18 6.27 -24.65
CA GLY B 112 -7.39 6.89 -25.22
C GLY B 112 -8.30 7.69 -24.31
N GLU B 113 -9.41 8.15 -24.86
CA GLU B 113 -10.42 8.92 -24.13
C GLU B 113 -10.82 8.33 -22.78
N VAL B 114 -10.76 7.01 -22.70
CA VAL B 114 -11.18 6.37 -21.46
C VAL B 114 -10.42 7.05 -20.36
N PHE B 115 -9.10 7.13 -20.54
CA PHE B 115 -8.22 7.78 -19.55
C PHE B 115 -8.60 9.22 -19.20
N LYS B 116 -8.73 10.05 -20.23
CA LYS B 116 -9.21 11.40 -20.00
C LYS B 116 -10.47 11.37 -19.16
N ARG B 117 -11.49 10.70 -19.66
CA ARG B 117 -12.72 10.57 -18.91
C ARG B 117 -12.52 10.25 -17.43
N VAL B 118 -11.74 9.21 -17.15
CA VAL B 118 -11.41 8.91 -15.77
C VAL B 118 -10.76 10.10 -15.07
N SER B 119 -9.69 10.62 -15.67
CA SER B 119 -8.99 11.77 -15.12
C SER B 119 -9.91 12.94 -14.84
N ASP B 120 -11.04 12.98 -15.52
CA ASP B 120 -11.90 14.14 -15.44
C ASP B 120 -12.93 14.13 -14.29
N VAL B 121 -13.17 12.97 -13.68
CA VAL B 121 -14.10 12.93 -12.56
C VAL B 121 -13.76 14.04 -11.58
N PRO B 122 -14.79 14.73 -11.06
CA PRO B 122 -14.56 15.89 -10.19
C PRO B 122 -13.91 15.50 -8.87
N ARG B 123 -14.15 14.27 -8.40
CA ARG B 123 -13.59 13.79 -7.14
C ARG B 123 -13.74 12.29 -7.00
N GLY B 124 -13.34 11.75 -5.86
CA GLY B 124 -13.40 10.32 -5.65
C GLY B 124 -12.02 9.71 -5.76
N LEU B 125 -11.97 8.38 -5.86
CA LEU B 125 -10.71 7.65 -5.84
C LEU B 125 -10.36 6.99 -7.18
N VAL B 126 -9.10 7.10 -7.57
CA VAL B 126 -8.64 6.38 -8.72
C VAL B 126 -7.36 5.63 -8.41
N LEU B 127 -7.38 4.33 -8.65
CA LEU B 127 -6.23 3.50 -8.34
C LEU B 127 -5.63 3.00 -9.62
N VAL B 128 -4.36 3.33 -9.81
CA VAL B 128 -3.60 2.80 -10.91
C VAL B 128 -2.65 1.79 -10.32
N THR B 129 -2.89 0.53 -10.57
CA THR B 129 -2.07 -0.49 -9.94
C THR B 129 -1.24 -1.24 -10.97
N GLY B 130 -0.37 -2.13 -10.49
CA GLY B 130 0.46 -2.91 -11.38
C GLY B 130 1.73 -3.36 -10.70
N PRO B 131 2.11 -4.61 -10.95
CA PRO B 131 3.32 -5.21 -10.42
C PRO B 131 4.47 -4.22 -10.52
N THR B 132 5.18 -4.03 -9.40
CA THR B 132 6.31 -3.11 -9.36
C THR B 132 7.23 -3.41 -10.54
N GLY B 133 7.13 -2.59 -11.60
CA GLY B 133 7.90 -2.82 -12.81
C GLY B 133 7.13 -2.39 -14.03
N SER B 134 5.81 -2.42 -13.93
CA SER B 134 4.93 -2.13 -15.06
C SER B 134 4.78 -0.64 -15.40
N GLY B 135 5.68 0.18 -14.83
CA GLY B 135 5.67 1.62 -15.09
C GLY B 135 4.42 2.41 -14.66
N LYS B 136 3.73 1.96 -13.62
CA LYS B 136 2.51 2.65 -13.14
C LYS B 136 2.67 4.15 -13.33
N SER B 137 3.75 4.67 -12.76
CA SER B 137 4.01 6.10 -12.65
C SER B 137 3.77 6.87 -13.93
N THR B 138 4.03 6.21 -15.05
CA THR B 138 3.96 6.90 -16.32
C THR B 138 2.53 7.12 -16.67
N THR B 139 1.75 6.05 -16.71
CA THR B 139 0.35 6.23 -17.01
C THR B 139 -0.15 7.38 -16.16
N LEU B 140 0.13 7.27 -14.88
CA LEU B 140 -0.18 8.31 -13.93
C LEU B 140 0.32 9.68 -14.39
N ALA B 141 1.62 9.80 -14.57
CA ALA B 141 2.19 11.06 -15.02
C ALA B 141 1.39 11.63 -16.18
N ALA B 142 1.11 10.78 -17.16
CA ALA B 142 0.38 11.21 -18.35
C ALA B 142 -1.01 11.74 -18.00
N MET B 143 -1.71 11.04 -17.12
CA MET B 143 -3.06 11.47 -16.75
C MET B 143 -2.99 12.79 -16.03
N LEU B 144 -2.06 12.89 -15.08
CA LEU B 144 -1.79 14.14 -14.38
C LEU B 144 -1.50 15.25 -15.35
N ASP B 145 -0.52 15.00 -16.23
CA ASP B 145 -0.20 15.95 -17.29
C ASP B 145 -1.45 16.43 -18.04
N TYR B 146 -2.27 15.48 -18.48
CA TYR B 146 -3.52 15.81 -19.15
C TYR B 146 -4.36 16.84 -18.42
N LEU B 147 -4.51 16.71 -17.10
CA LEU B 147 -5.26 17.71 -16.35
C LEU B 147 -4.46 19.00 -16.23
N ASN B 148 -3.18 18.87 -15.93
CA ASN B 148 -2.31 20.02 -15.81
C ASN B 148 -2.37 20.89 -17.07
N ASN B 149 -2.75 20.24 -18.18
CA ASN B 149 -2.89 20.94 -19.44
C ASN B 149 -4.29 21.46 -19.71
N THR B 150 -5.26 21.04 -18.91
CA THR B 150 -6.63 21.39 -19.22
C THR B 150 -7.43 21.99 -18.06
N LYS B 151 -6.95 21.85 -16.83
CA LYS B 151 -7.70 22.46 -15.72
C LYS B 151 -6.88 23.47 -14.91
N TYR B 152 -7.54 24.54 -14.43
CA TYR B 152 -6.88 25.55 -13.64
C TYR B 152 -6.93 25.11 -12.20
N HIS B 153 -6.35 23.94 -11.96
CA HIS B 153 -6.49 23.34 -10.65
C HIS B 153 -5.17 23.21 -9.92
N HIS B 154 -5.27 22.70 -8.70
CA HIS B 154 -4.11 22.53 -7.86
C HIS B 154 -3.81 21.06 -7.61
N ILE B 155 -2.87 20.53 -8.36
CA ILE B 155 -2.40 19.17 -8.16
C ILE B 155 -1.37 19.13 -7.06
N LEU B 156 -1.69 18.36 -6.03
CA LEU B 156 -0.78 18.13 -4.95
C LEU B 156 -0.36 16.66 -4.96
N THR B 157 0.94 16.38 -5.03
CA THR B 157 1.42 14.99 -5.04
C THR B 157 2.29 14.68 -3.84
N ILE B 158 2.29 13.43 -3.40
CA ILE B 158 3.14 13.04 -2.28
C ILE B 158 3.96 11.79 -2.63
N GLU B 159 5.22 11.96 -2.96
CA GLU B 159 5.97 10.86 -3.49
C GLU B 159 7.11 10.49 -2.58
N ASP B 160 7.54 9.23 -2.69
CA ASP B 160 8.59 8.69 -1.86
C ASP B 160 9.48 7.81 -2.71
N PRO B 161 10.39 8.42 -3.48
CA PRO B 161 10.55 9.84 -3.58
C PRO B 161 9.80 10.36 -4.80
N ILE B 162 9.96 11.64 -5.08
CA ILE B 162 9.41 12.21 -6.30
C ILE B 162 9.96 11.50 -7.55
N GLU B 163 9.05 11.10 -8.43
CA GLU B 163 9.42 10.40 -9.64
C GLU B 163 9.62 11.39 -10.81
N PHE B 164 8.58 11.56 -11.60
CA PHE B 164 8.60 12.62 -12.60
C PHE B 164 8.43 13.97 -11.90
N VAL B 165 8.89 15.02 -12.58
CA VAL B 165 8.65 16.36 -12.09
C VAL B 165 7.81 17.09 -13.12
N HIS B 166 6.76 17.74 -12.68
CA HIS B 166 5.86 18.38 -13.60
C HIS B 166 6.08 19.87 -13.57
N GLU B 167 5.83 20.54 -14.68
CA GLU B 167 5.85 21.99 -14.67
C GLU B 167 4.47 22.58 -14.55
N SER B 168 4.30 23.53 -13.64
CA SER B 168 3.00 24.14 -13.47
C SER B 168 2.56 24.80 -14.75
N LYS B 169 1.58 24.19 -15.41
CA LYS B 169 1.01 24.77 -16.61
C LYS B 169 -0.33 25.46 -16.32
N LYS B 170 -1.44 24.79 -16.49
CA LYS B 170 -2.70 25.42 -16.08
C LYS B 170 -2.94 25.13 -14.63
N CYS B 171 -2.15 24.20 -14.11
CA CYS B 171 -2.32 23.80 -12.75
C CYS B 171 -1.21 24.28 -11.87
N LEU B 172 -1.57 24.63 -10.65
CA LEU B 172 -0.57 24.69 -9.62
C LEU B 172 -0.21 23.25 -9.27
N VAL B 173 1.04 22.86 -9.52
CA VAL B 173 1.51 21.55 -9.14
C VAL B 173 2.50 21.68 -8.00
N ASN B 174 2.17 21.06 -6.88
CA ASN B 174 3.05 21.04 -5.75
C ASN B 174 3.40 19.60 -5.43
N GLN B 175 4.68 19.26 -5.61
CA GLN B 175 5.11 17.92 -5.30
C GLN B 175 5.91 17.90 -4.00
N ARG B 176 5.50 17.06 -3.07
CA ARG B 176 6.18 16.94 -1.81
C ARG B 176 6.91 15.60 -1.70
N GLU B 177 8.24 15.60 -1.51
CA GLU B 177 9.02 14.37 -1.42
C GLU B 177 9.15 13.93 0.02
N VAL B 178 8.49 12.82 0.34
CA VAL B 178 8.56 12.25 1.68
C VAL B 178 10.00 12.22 2.16
N HIS B 179 10.21 12.58 3.42
CA HIS B 179 11.54 12.55 4.06
C HIS B 179 12.37 13.78 3.81
N ARG B 180 11.96 14.58 2.84
CA ARG B 180 12.66 15.83 2.56
C ARG B 180 11.70 16.99 2.75
N ASP B 181 10.55 16.92 2.10
CA ASP B 181 9.60 18.00 2.15
C ASP B 181 8.57 17.73 3.23
N THR B 182 8.54 16.50 3.73
CA THR B 182 7.48 16.09 4.64
C THR B 182 7.95 14.87 5.41
N LEU B 183 7.36 14.64 6.58
CA LEU B 183 7.83 13.56 7.44
C LEU B 183 7.31 12.19 7.05
N GLY B 184 6.19 12.18 6.35
CA GLY B 184 5.61 10.92 5.90
C GLY B 184 4.29 11.10 5.22
N PHE B 185 3.79 10.03 4.62
CA PHE B 185 2.53 10.10 3.86
C PHE B 185 1.36 10.58 4.70
N SER B 186 1.25 10.08 5.91
CA SER B 186 0.14 10.46 6.78
C SER B 186 0.23 11.94 7.16
N GLU B 187 1.35 12.36 7.73
CA GLU B 187 1.55 13.78 8.02
C GLU B 187 1.18 14.60 6.80
N ALA B 188 1.85 14.33 5.69
CA ALA B 188 1.62 15.09 4.48
C ALA B 188 0.12 15.07 4.09
N LEU B 189 -0.48 13.89 4.08
CA LEU B 189 -1.85 13.77 3.70
C LEU B 189 -2.74 14.71 4.53
N ARG B 190 -2.57 14.67 5.85
CA ARG B 190 -3.40 15.50 6.71
C ARG B 190 -3.31 16.95 6.29
N SER B 191 -2.09 17.49 6.24
CA SER B 191 -1.88 18.84 5.73
C SER B 191 -2.63 19.08 4.42
N ALA B 192 -2.46 18.16 3.48
CA ALA B 192 -3.14 18.27 2.20
C ALA B 192 -4.62 18.67 2.32
N LEU B 193 -5.30 18.13 3.32
CA LEU B 193 -6.73 18.39 3.44
C LEU B 193 -7.01 19.84 3.71
N ARG B 194 -5.96 20.63 3.76
CA ARG B 194 -6.09 22.06 4.08
C ARG B 194 -4.97 22.83 3.38
N GLU B 195 -4.76 22.49 2.11
CA GLU B 195 -3.77 23.07 1.25
C GLU B 195 -4.52 23.36 -0.04
N ASP B 196 -5.84 23.29 0.08
CA ASP B 196 -6.70 23.62 -1.03
C ASP B 196 -6.32 22.86 -2.27
N PRO B 197 -6.17 21.54 -2.18
CA PRO B 197 -5.83 20.76 -3.38
C PRO B 197 -7.07 20.30 -4.12
N ASP B 198 -6.96 20.19 -5.44
CA ASP B 198 -8.02 19.64 -6.27
C ASP B 198 -7.75 18.17 -6.43
N ILE B 199 -6.54 17.89 -6.90
CA ILE B 199 -6.12 16.53 -7.20
C ILE B 199 -4.95 16.18 -6.30
N ILE B 200 -5.03 15.01 -5.67
CA ILE B 200 -3.96 14.55 -4.81
C ILE B 200 -3.38 13.24 -5.31
N LEU B 201 -2.06 13.19 -5.48
CA LEU B 201 -1.42 11.94 -5.81
C LEU B 201 -0.63 11.39 -4.61
N VAL B 202 -0.93 10.14 -4.21
CA VAL B 202 -0.15 9.49 -3.18
C VAL B 202 0.62 8.31 -3.75
N GLY B 203 1.93 8.48 -3.88
CA GLY B 203 2.83 7.42 -4.32
C GLY B 203 2.48 6.14 -3.61
N GLU B 204 3.38 5.71 -2.74
CA GLU B 204 3.18 4.47 -1.98
C GLU B 204 1.98 4.52 -1.02
N MET B 205 1.37 3.37 -0.78
CA MET B 205 0.36 3.28 0.24
C MET B 205 0.82 2.28 1.27
N ARG B 206 1.86 2.59 2.04
CA ARG B 206 2.45 1.59 2.95
C ARG B 206 1.51 1.20 4.08
N ASP B 207 1.14 2.14 4.93
CA ASP B 207 0.35 1.81 6.11
C ASP B 207 -1.11 2.18 5.97
N LEU B 208 -1.92 1.70 6.90
CA LEU B 208 -3.36 1.88 6.84
C LEU B 208 -3.71 3.36 6.94
N GLU B 209 -2.98 4.07 7.79
CA GLU B 209 -3.25 5.50 7.95
C GLU B 209 -3.25 6.20 6.61
N THR B 210 -2.32 5.78 5.75
CA THR B 210 -2.26 6.37 4.42
C THR B 210 -3.52 6.04 3.65
N ILE B 211 -3.97 4.80 3.72
CA ILE B 211 -5.22 4.42 3.08
C ILE B 211 -6.37 5.16 3.73
N ARG B 212 -6.56 4.91 5.02
CA ARG B 212 -7.56 5.59 5.77
C ARG B 212 -7.68 7.05 5.29
N LEU B 213 -6.61 7.82 5.50
CA LEU B 213 -6.58 9.22 5.11
C LEU B 213 -6.93 9.44 3.64
N ALA B 214 -6.23 8.72 2.76
CA ALA B 214 -6.45 8.87 1.34
C ALA B 214 -7.93 8.80 1.05
N LEU B 215 -8.62 7.86 1.70
CA LEU B 215 -10.06 7.69 1.50
C LEU B 215 -10.88 8.91 1.92
N THR B 216 -10.58 9.46 3.09
CA THR B 216 -11.28 10.64 3.57
C THR B 216 -11.10 11.82 2.65
N ALA B 217 -9.96 11.86 1.98
CA ALA B 217 -9.71 12.87 0.98
C ALA B 217 -10.70 12.68 -0.17
N ALA B 218 -10.81 11.45 -0.63
CA ALA B 218 -11.72 11.13 -1.72
C ALA B 218 -13.14 11.41 -1.28
N GLU B 219 -13.40 11.22 0.01
CA GLU B 219 -14.75 11.30 0.51
C GLU B 219 -15.19 12.74 0.74
N THR B 220 -14.25 13.59 1.12
CA THR B 220 -14.57 14.95 1.47
C THR B 220 -14.67 15.82 0.23
N GLY B 221 -14.36 15.25 -0.93
CA GLY B 221 -14.60 15.94 -2.18
C GLY B 221 -13.43 16.19 -3.12
N HIS B 222 -12.28 15.53 -2.93
CA HIS B 222 -11.19 15.70 -3.86
C HIS B 222 -11.04 14.53 -4.79
N LEU B 223 -10.26 14.72 -5.84
CA LEU B 223 -9.92 13.62 -6.72
C LEU B 223 -8.57 13.11 -6.26
N VAL B 224 -8.50 11.83 -5.90
CA VAL B 224 -7.25 11.26 -5.41
C VAL B 224 -6.70 10.10 -6.24
N PHE B 225 -5.41 10.15 -6.51
CA PHE B 225 -4.72 9.03 -7.17
C PHE B 225 -3.78 8.32 -6.21
N GLY B 226 -3.89 7.00 -6.15
CA GLY B 226 -2.94 6.17 -5.43
C GLY B 226 -2.69 4.89 -6.18
N THR B 227 -1.66 4.16 -5.79
CA THR B 227 -1.28 2.95 -6.52
C THR B 227 -1.07 1.76 -5.60
N LEU B 228 -1.51 0.59 -6.04
CA LEU B 228 -1.21 -0.66 -5.35
C LEU B 228 -0.48 -1.56 -6.29
N HIS B 229 0.25 -2.52 -5.73
CA HIS B 229 0.93 -3.52 -6.54
C HIS B 229 0.05 -4.73 -6.84
N THR B 230 -1.26 -4.53 -6.73
CA THR B 230 -2.24 -5.48 -7.24
C THR B 230 -2.23 -5.47 -8.77
N THR B 231 -2.66 -6.57 -9.37
CA THR B 231 -2.62 -6.71 -10.82
C THR B 231 -4.01 -6.83 -11.42
N SER B 232 -5.03 -6.56 -10.60
CA SER B 232 -6.41 -6.74 -11.05
C SER B 232 -7.37 -5.89 -10.24
N ALA B 233 -8.33 -5.29 -10.96
CA ALA B 233 -9.38 -4.53 -10.30
C ALA B 233 -9.89 -5.31 -9.08
N ALA B 234 -10.35 -6.54 -9.32
CA ALA B 234 -10.91 -7.37 -8.26
C ALA B 234 -9.92 -7.54 -7.09
N LYS B 235 -8.68 -7.86 -7.41
CA LYS B 235 -7.68 -8.05 -6.37
C LYS B 235 -7.46 -6.72 -5.64
N THR B 236 -7.28 -5.66 -6.43
CA THR B 236 -7.07 -4.32 -5.89
C THR B 236 -8.09 -4.04 -4.79
N ILE B 237 -9.37 -4.13 -5.12
CA ILE B 237 -10.40 -3.94 -4.12
C ILE B 237 -10.12 -4.81 -2.89
N ASP B 238 -10.21 -6.13 -3.07
CA ASP B 238 -9.93 -7.03 -1.98
C ASP B 238 -8.78 -6.48 -1.16
N ARG B 239 -7.66 -6.25 -1.83
CA ARG B 239 -6.44 -5.80 -1.16
C ARG B 239 -6.69 -4.66 -0.20
N VAL B 240 -7.49 -3.69 -0.63
CA VAL B 240 -7.73 -2.49 0.15
C VAL B 240 -8.55 -2.83 1.37
N VAL B 241 -9.67 -3.52 1.19
CA VAL B 241 -10.57 -3.81 2.29
C VAL B 241 -9.95 -4.82 3.26
N ASP B 242 -9.14 -5.70 2.71
CA ASP B 242 -8.72 -6.87 3.47
C ASP B 242 -7.61 -6.60 4.46
N VAL B 243 -6.93 -5.48 4.30
CA VAL B 243 -5.82 -5.16 5.18
C VAL B 243 -6.29 -4.50 6.47
N PHE B 244 -7.61 -4.32 6.59
CA PHE B 244 -8.17 -3.69 7.78
C PHE B 244 -8.69 -4.71 8.76
N PRO B 245 -8.54 -4.42 10.06
CA PRO B 245 -9.07 -5.27 11.10
C PRO B 245 -10.54 -5.54 10.84
N ALA B 246 -10.95 -6.78 11.04
CA ALA B 246 -12.33 -7.19 10.84
C ALA B 246 -13.29 -6.11 11.32
N GLU B 247 -13.08 -5.66 12.55
CA GLU B 247 -13.98 -4.73 13.19
C GLU B 247 -14.17 -3.43 12.43
N GLU B 248 -13.53 -3.28 11.27
CA GLU B 248 -13.53 -2.01 10.56
C GLU B 248 -13.71 -2.09 9.05
N LYS B 249 -13.79 -3.31 8.52
CA LYS B 249 -13.98 -3.52 7.09
C LYS B 249 -15.23 -2.82 6.55
N ALA B 250 -16.38 -3.13 7.14
CA ALA B 250 -17.64 -2.47 6.77
C ALA B 250 -17.41 -1.02 6.36
N MET B 251 -16.95 -0.22 7.32
CA MET B 251 -16.78 1.22 7.11
C MET B 251 -15.87 1.52 5.93
N VAL B 252 -14.86 0.69 5.74
CA VAL B 252 -13.97 0.84 4.61
C VAL B 252 -14.66 0.39 3.33
N ARG B 253 -15.15 -0.85 3.33
CA ARG B 253 -15.84 -1.38 2.17
C ARG B 253 -16.94 -0.40 1.78
N SER B 254 -17.64 0.12 2.77
CA SER B 254 -18.69 1.09 2.51
C SER B 254 -18.13 2.32 1.84
N MET B 255 -17.18 2.97 2.49
CA MET B 255 -16.57 4.16 1.92
C MET B 255 -16.15 3.93 0.47
N LEU B 256 -15.22 3.01 0.29
CA LEU B 256 -14.67 2.70 -1.02
C LEU B 256 -15.78 2.62 -2.06
N SER B 257 -16.75 1.75 -1.80
CA SER B 257 -17.86 1.53 -2.70
C SER B 257 -18.54 2.83 -3.13
N GLU B 258 -18.30 3.91 -2.40
CA GLU B 258 -18.96 5.17 -2.70
C GLU B 258 -18.05 6.11 -3.42
N SER B 259 -16.76 6.01 -3.17
CA SER B 259 -15.81 6.97 -3.71
C SER B 259 -15.00 6.41 -4.86
N LEU B 260 -15.01 5.11 -5.01
CA LEU B 260 -14.20 4.48 -6.05
C LEU B 260 -14.68 4.91 -7.41
N GLN B 261 -13.81 5.57 -8.15
CA GLN B 261 -14.23 6.13 -9.40
C GLN B 261 -13.77 5.25 -10.53
N SER B 262 -12.66 4.57 -10.33
CA SER B 262 -12.16 3.67 -11.34
C SER B 262 -10.88 3.01 -10.89
N VAL B 263 -10.64 1.83 -11.41
CA VAL B 263 -9.41 1.14 -11.10
C VAL B 263 -8.73 0.73 -12.39
N ILE B 264 -7.44 1.03 -12.49
CA ILE B 264 -6.66 0.64 -13.66
C ILE B 264 -5.45 -0.19 -13.26
N SER B 265 -5.42 -1.44 -13.72
CA SER B 265 -4.30 -2.32 -13.47
C SER B 265 -3.53 -2.51 -14.75
N GLN B 266 -2.22 -2.34 -14.66
CA GLN B 266 -1.39 -2.23 -15.85
C GLN B 266 -0.34 -3.34 -15.87
N THR B 267 0.42 -3.43 -16.97
CA THR B 267 1.51 -4.40 -17.06
C THR B 267 2.22 -4.28 -18.41
N LEU B 268 3.54 -4.49 -18.40
CA LEU B 268 4.33 -4.35 -19.62
C LEU B 268 4.53 -5.65 -20.37
N ILE B 269 4.49 -5.58 -21.68
CA ILE B 269 4.74 -6.78 -22.48
C ILE B 269 5.74 -6.48 -23.58
N LYS B 270 6.54 -7.49 -23.93
CA LYS B 270 7.59 -7.32 -24.93
C LYS B 270 7.01 -7.08 -26.33
N LYS B 271 7.23 -5.88 -26.86
CA LYS B 271 6.67 -5.49 -28.14
C LYS B 271 7.33 -6.23 -29.29
N ILE B 272 6.59 -6.61 -30.32
CA ILE B 272 7.23 -7.19 -31.51
C ILE B 272 8.40 -6.30 -31.95
N ARG B 276 8.04 -3.38 -26.12
CA ARG B 276 7.51 -3.26 -24.77
C ARG B 276 6.34 -2.32 -24.75
N VAL B 277 5.17 -2.90 -24.56
CA VAL B 277 3.94 -2.12 -24.61
C VAL B 277 3.02 -2.47 -23.43
N ALA B 278 2.28 -1.47 -22.96
CA ALA B 278 1.51 -1.63 -21.75
C ALA B 278 0.11 -2.16 -22.00
N ALA B 279 -0.30 -3.11 -21.18
CA ALA B 279 -1.67 -3.63 -21.23
C ALA B 279 -2.39 -3.14 -19.98
N HIS B 280 -3.60 -2.62 -20.17
CA HIS B 280 -4.37 -2.09 -19.06
C HIS B 280 -5.67 -2.85 -18.87
N GLU B 281 -5.96 -3.23 -17.63
CA GLU B 281 -7.30 -3.61 -17.29
C GLU B 281 -7.99 -2.37 -16.77
N ILE B 282 -9.17 -2.10 -17.28
CA ILE B 282 -9.86 -0.87 -16.92
C ILE B 282 -11.24 -1.15 -16.34
N MET B 283 -11.45 -0.63 -15.14
CA MET B 283 -12.72 -0.82 -14.45
C MET B 283 -13.24 0.54 -14.05
N ILE B 284 -14.49 0.83 -14.39
CA ILE B 284 -15.05 2.13 -14.12
C ILE B 284 -16.19 2.08 -13.10
N GLY B 285 -16.21 3.07 -12.21
CA GLY B 285 -17.31 3.22 -11.25
C GLY B 285 -18.66 3.09 -11.93
N THR B 286 -19.61 2.47 -11.25
CA THR B 286 -20.88 2.19 -11.87
C THR B 286 -21.86 1.65 -10.84
N PRO B 287 -23.00 2.35 -10.68
CA PRO B 287 -24.03 1.98 -9.73
C PRO B 287 -24.07 0.48 -9.46
N ALA B 288 -24.07 -0.34 -10.50
CA ALA B 288 -24.06 -1.78 -10.29
C ALA B 288 -22.84 -2.20 -9.47
N ILE B 289 -21.66 -1.83 -9.97
CA ILE B 289 -20.41 -2.23 -9.34
C ILE B 289 -20.28 -1.69 -7.93
N ARG B 290 -20.72 -0.45 -7.74
CA ARG B 290 -20.86 0.14 -6.41
C ARG B 290 -21.39 -0.89 -5.42
N ASN B 291 -22.62 -1.35 -5.68
CA ASN B 291 -23.24 -2.40 -4.85
C ASN B 291 -22.27 -3.54 -4.65
N LEU B 292 -21.92 -4.18 -5.75
CA LEU B 292 -20.95 -5.26 -5.73
C LEU B 292 -19.91 -5.03 -4.64
N ILE B 293 -19.53 -3.77 -4.44
CA ILE B 293 -18.55 -3.43 -3.42
C ILE B 293 -19.21 -3.28 -2.05
N ASP B 296 -20.79 -7.58 -0.61
CA ASP B 296 -19.45 -8.15 -0.63
C ASP B 296 -19.20 -8.93 -1.92
N LYS B 297 -20.18 -8.90 -2.82
CA LYS B 297 -20.15 -9.71 -4.04
C LYS B 297 -19.14 -9.20 -5.09
N VAL B 298 -17.92 -8.92 -4.66
CA VAL B 298 -16.89 -8.43 -5.58
C VAL B 298 -16.52 -9.55 -6.57
N ALA B 299 -16.73 -10.79 -6.15
CA ALA B 299 -16.52 -11.93 -7.04
C ALA B 299 -17.09 -11.60 -8.42
N GLN B 300 -18.41 -11.40 -8.47
CA GLN B 300 -19.08 -11.07 -9.73
C GLN B 300 -18.71 -9.66 -10.23
N MET B 301 -17.43 -9.41 -10.34
CA MET B 301 -16.94 -8.14 -10.83
C MET B 301 -16.54 -8.27 -12.30
N TYR B 302 -15.82 -9.33 -12.61
CA TYR B 302 -15.37 -9.52 -13.95
C TYR B 302 -16.36 -9.41 -15.01
N SER B 303 -17.44 -10.14 -14.85
CA SER B 303 -18.34 -10.20 -15.95
C SER B 303 -18.92 -8.80 -16.08
N ALA B 304 -19.02 -8.10 -14.96
CA ALA B 304 -19.44 -6.72 -14.94
C ALA B 304 -18.55 -5.88 -15.83
N ILE B 305 -17.23 -6.06 -15.70
CA ILE B 305 -16.28 -5.29 -16.52
C ILE B 305 -16.39 -5.69 -17.99
N GLN B 306 -16.60 -6.98 -18.21
CA GLN B 306 -16.64 -7.51 -19.56
C GLN B 306 -17.81 -6.95 -20.35
N THR B 307 -18.88 -6.60 -19.65
CA THR B 307 -20.05 -6.02 -20.28
C THR B 307 -20.01 -4.50 -20.15
N GLY B 308 -18.93 -4.01 -19.55
CA GLY B 308 -18.75 -2.57 -19.34
C GLY B 308 -18.16 -1.89 -20.57
N GLY B 309 -17.94 -2.68 -21.62
CA GLY B 309 -17.28 -2.19 -22.82
C GLY B 309 -17.69 -0.80 -23.24
N SER B 310 -18.99 -0.62 -23.41
CA SER B 310 -19.52 0.59 -24.02
C SER B 310 -19.36 1.82 -23.12
N LEU B 311 -18.73 1.63 -21.97
CA LEU B 311 -18.35 2.75 -21.11
C LEU B 311 -16.84 2.95 -21.24
N GLY B 312 -16.17 1.92 -21.75
CA GLY B 312 -14.75 1.95 -22.01
C GLY B 312 -13.95 0.97 -21.16
N MET B 313 -14.63 0.16 -20.34
CA MET B 313 -13.95 -0.81 -19.45
C MET B 313 -13.36 -1.94 -20.26
N GLN B 314 -12.49 -2.73 -19.65
CA GLN B 314 -11.92 -3.87 -20.34
C GLN B 314 -11.19 -4.85 -19.41
N THR B 315 -11.39 -6.14 -19.65
CA THR B 315 -10.59 -7.16 -19.00
C THR B 315 -9.16 -7.01 -19.46
N LEU B 316 -8.22 -7.36 -18.60
CA LEU B 316 -6.83 -7.38 -19.00
C LEU B 316 -6.66 -8.34 -20.18
N ASP B 317 -7.09 -9.60 -20.02
CA ASP B 317 -7.02 -10.57 -21.12
C ASP B 317 -7.62 -9.98 -22.38
N MET B 318 -8.81 -9.42 -22.24
CA MET B 318 -9.50 -8.77 -23.34
C MET B 318 -8.56 -7.80 -24.04
N CYS B 319 -7.92 -6.96 -23.24
CA CYS B 319 -6.95 -6.00 -23.74
C CYS B 319 -5.82 -6.70 -24.46
N LEU B 320 -5.28 -7.73 -23.82
CA LEU B 320 -4.21 -8.54 -24.41
C LEU B 320 -4.49 -8.93 -25.88
N LYS B 321 -5.52 -9.75 -26.09
CA LYS B 321 -5.85 -10.18 -27.43
C LYS B 321 -5.72 -9.00 -28.39
N GLY B 322 -6.25 -7.85 -28.00
CA GLY B 322 -6.09 -6.66 -28.79
C GLY B 322 -4.67 -6.55 -29.29
N MET C 1 6.98 44.93 -1.36
CA MET C 1 5.63 44.33 -1.54
C MET C 1 5.43 43.12 -0.61
N ASP C 2 4.44 43.20 0.28
CA ASP C 2 4.32 42.23 1.36
C ASP C 2 3.03 41.43 1.27
N ILE C 3 2.91 40.46 2.16
CA ILE C 3 1.78 39.56 2.07
C ILE C 3 0.44 40.20 2.37
N THR C 4 0.44 41.33 3.06
CA THR C 4 -0.83 41.99 3.29
C THR C 4 -1.40 42.52 2.00
N GLU C 5 -0.64 43.36 1.32
CA GLU C 5 -1.09 43.83 0.02
C GLU C 5 -1.71 42.70 -0.77
N LEU C 6 -1.00 41.58 -0.88
CA LEU C 6 -1.54 40.42 -1.60
C LEU C 6 -2.88 39.96 -1.03
N LEU C 7 -2.87 39.61 0.24
CA LEU C 7 -4.07 39.12 0.87
C LEU C 7 -5.21 40.07 0.58
N ALA C 8 -4.96 41.34 0.84
CA ALA C 8 -5.95 42.38 0.58
C ALA C 8 -6.46 42.22 -0.83
N PHE C 9 -5.55 42.10 -1.78
CA PHE C 9 -5.91 42.03 -3.18
C PHE C 9 -6.78 40.81 -3.49
N SER C 10 -6.47 39.68 -2.87
CA SER C 10 -7.28 38.47 -2.99
C SER C 10 -8.70 38.80 -2.65
N ALA C 11 -8.90 39.37 -1.47
CA ALA C 11 -10.24 39.67 -1.02
C ALA C 11 -10.94 40.53 -2.04
N LYS C 12 -10.30 41.63 -2.41
CA LYS C 12 -10.88 42.51 -3.39
C LYS C 12 -11.28 41.74 -4.65
N GLN C 13 -10.69 40.57 -4.86
CA GLN C 13 -10.90 39.82 -6.07
C GLN C 13 -11.94 38.75 -5.87
N GLY C 14 -12.42 38.63 -4.63
CA GLY C 14 -13.35 37.56 -4.28
C GLY C 14 -12.68 36.21 -4.22
N ALA C 15 -11.36 36.20 -4.12
CA ALA C 15 -10.62 34.92 -4.07
C ALA C 15 -10.99 34.13 -2.81
N SER C 16 -11.18 32.83 -2.97
CA SER C 16 -11.40 31.96 -1.82
C SER C 16 -10.04 31.53 -1.22
N ASP C 17 -9.03 31.43 -2.07
CA ASP C 17 -7.69 31.08 -1.63
C ASP C 17 -6.59 31.90 -2.28
N LEU C 18 -5.54 32.15 -1.49
CA LEU C 18 -4.29 32.64 -2.03
C LEU C 18 -3.24 31.53 -1.88
N HIS C 19 -2.51 31.28 -2.98
CA HIS C 19 -1.51 30.25 -3.02
C HIS C 19 -0.15 30.83 -3.24
N LEU C 20 0.79 30.53 -2.35
CA LEU C 20 2.20 30.88 -2.59
C LEU C 20 2.94 29.62 -2.87
N SER C 21 3.70 29.61 -3.95
CA SER C 21 4.51 28.45 -4.28
C SER C 21 5.81 28.88 -4.88
N ALA C 22 6.88 28.64 -4.13
CA ALA C 22 8.22 28.96 -4.62
C ALA C 22 8.34 28.50 -6.07
N GLY C 23 8.63 29.44 -6.94
CA GLY C 23 8.79 29.13 -8.36
C GLY C 23 7.68 29.70 -9.21
N LEU C 24 6.61 30.18 -8.59
CA LEU C 24 5.52 30.73 -9.36
C LEU C 24 5.04 31.98 -8.71
N PRO C 25 4.49 32.90 -9.54
CA PRO C 25 3.84 34.08 -9.02
C PRO C 25 2.66 33.66 -8.15
N PRO C 26 2.27 34.52 -7.20
CA PRO C 26 1.09 34.24 -6.40
C PRO C 26 -0.11 33.92 -7.29
N MET C 27 -0.95 33.02 -6.83
CA MET C 27 -2.19 32.71 -7.53
C MET C 27 -3.35 32.66 -6.58
N ILE C 28 -4.53 32.98 -7.11
CA ILE C 28 -5.70 32.93 -6.29
C ILE C 28 -6.74 31.98 -6.90
N ARG C 29 -7.53 31.33 -6.05
CA ARG C 29 -8.64 30.55 -6.54
C ARG C 29 -9.84 31.41 -6.53
N VAL C 30 -10.42 31.63 -7.70
CA VAL C 30 -11.67 32.37 -7.77
C VAL C 30 -12.74 31.61 -8.56
N ASP C 31 -13.93 31.52 -7.98
CA ASP C 31 -14.98 30.75 -8.59
C ASP C 31 -14.46 29.37 -8.89
N GLY C 32 -13.58 28.86 -8.02
CA GLY C 32 -13.10 27.50 -8.18
C GLY C 32 -11.86 27.38 -9.03
N ASP C 33 -11.54 28.38 -9.83
CA ASP C 33 -10.29 28.33 -10.58
C ASP C 33 -9.09 28.95 -9.85
N VAL C 34 -7.91 28.40 -10.12
CA VAL C 34 -6.70 28.91 -9.54
C VAL C 34 -5.90 29.56 -10.62
N ARG C 35 -5.57 30.83 -10.42
CA ARG C 35 -4.91 31.56 -11.49
C ARG C 35 -3.84 32.55 -11.08
N ARG C 36 -2.80 32.67 -11.89
CA ARG C 36 -1.70 33.51 -11.46
C ARG C 36 -2.11 34.98 -11.45
N ILE C 37 -1.64 35.70 -10.43
CA ILE C 37 -1.77 37.14 -10.42
C ILE C 37 -0.71 37.71 -11.34
N ASN C 38 -0.91 38.88 -11.89
CA ASN C 38 0.05 39.36 -12.85
C ASN C 38 1.24 39.97 -12.12
N LEU C 39 2.05 39.09 -11.55
CA LEU C 39 3.19 39.46 -10.75
C LEU C 39 4.31 38.51 -11.09
N PRO C 40 5.57 38.89 -10.78
CA PRO C 40 6.74 38.05 -11.11
C PRO C 40 6.76 36.81 -10.22
N PRO C 41 7.36 35.73 -10.72
CA PRO C 41 7.37 34.47 -9.96
C PRO C 41 8.03 34.70 -8.59
N LEU C 42 7.57 34.03 -7.55
CA LEU C 42 8.26 34.12 -6.28
C LEU C 42 9.27 33.03 -6.04
N GLU C 43 10.53 33.42 -6.00
CA GLU C 43 11.63 32.51 -5.71
C GLU C 43 11.53 31.96 -4.29
N HIS C 44 12.19 30.85 -4.03
CA HIS C 44 12.12 30.27 -2.70
C HIS C 44 12.29 31.31 -1.60
N LYS C 45 13.44 31.96 -1.60
CA LYS C 45 13.74 32.96 -0.59
C LYS C 45 12.55 33.86 -0.31
N GLN C 46 11.94 34.38 -1.35
CA GLN C 46 10.88 35.34 -1.17
C GLN C 46 9.73 34.75 -0.41
N VAL C 47 9.12 33.69 -0.93
CA VAL C 47 7.93 33.13 -0.29
C VAL C 47 8.28 32.80 1.16
N HIS C 48 9.45 32.21 1.35
CA HIS C 48 9.88 31.85 2.68
C HIS C 48 9.97 33.07 3.58
N ALA C 49 10.53 34.15 3.07
CA ALA C 49 10.53 35.42 3.76
C ALA C 49 9.09 35.81 4.09
N LEU C 50 8.28 36.03 3.06
CA LEU C 50 6.87 36.39 3.23
C LEU C 50 6.21 35.62 4.35
N ILE C 51 6.44 34.30 4.35
CA ILE C 51 5.86 33.43 5.36
C ILE C 51 6.32 33.76 6.79
N TYR C 52 7.61 33.56 7.03
CA TYR C 52 8.22 33.84 8.32
C TYR C 52 7.85 35.21 8.85
N ASP C 53 7.76 36.19 7.96
CA ASP C 53 7.35 37.54 8.38
C ASP C 53 6.02 37.59 9.14
N ILE C 54 5.17 36.58 8.97
CA ILE C 54 3.88 36.59 9.64
C ILE C 54 3.75 35.52 10.69
N MET C 55 4.79 34.71 10.86
CA MET C 55 4.71 33.64 11.85
C MET C 55 5.34 34.11 13.15
N ASN C 56 5.09 33.38 14.23
CA ASN C 56 5.81 33.61 15.47
C ASN C 56 6.72 32.43 15.79
N ASP C 57 7.45 32.52 16.89
CA ASP C 57 8.39 31.47 17.22
C ASP C 57 7.75 30.11 17.09
N LYS C 58 6.80 29.80 17.96
CA LYS C 58 6.14 28.50 17.92
C LYS C 58 5.98 28.03 16.48
N GLN C 59 5.13 28.73 15.74
CA GLN C 59 4.86 28.44 14.33
C GLN C 59 6.14 28.20 13.53
N ARG C 60 7.10 29.12 13.64
CA ARG C 60 8.40 28.96 12.99
C ARG C 60 9.15 27.73 13.48
N LYS C 61 8.96 27.41 14.75
CA LYS C 61 9.57 26.23 15.32
C LYS C 61 8.98 24.97 14.75
N ASP C 62 7.65 24.85 14.76
CA ASP C 62 6.97 23.72 14.09
C ASP C 62 7.38 23.61 12.64
N PHE C 63 7.04 24.62 11.85
CA PHE C 63 7.38 24.58 10.45
C PHE C 63 8.73 23.96 10.20
N GLU C 64 9.70 24.30 11.04
CA GLU C 64 11.03 23.80 10.84
C GLU C 64 11.19 22.41 11.38
N GLU C 65 10.56 22.13 12.51
CA GLU C 65 10.61 20.79 13.11
C GLU C 65 9.86 19.75 12.29
N PHE C 66 8.66 20.12 11.82
CA PHE C 66 7.73 19.19 11.19
C PHE C 66 7.48 19.52 9.74
N LEU C 67 8.33 20.37 9.19
CA LEU C 67 8.30 20.72 7.77
C LEU C 67 6.96 21.29 7.29
N GLU C 68 5.97 21.34 8.17
CA GLU C 68 4.71 21.97 7.83
C GLU C 68 3.98 22.41 9.09
N THR C 69 3.11 23.40 8.96
CA THR C 69 2.36 23.89 10.12
C THR C 69 1.14 24.71 9.72
N ASP C 70 0.18 24.82 10.63
CA ASP C 70 -0.99 25.64 10.40
C ASP C 70 -1.11 26.72 11.44
N PHE C 71 -1.77 27.81 11.09
CA PHE C 71 -2.09 28.82 12.06
C PHE C 71 -2.98 29.80 11.35
N SER C 72 -3.65 30.66 12.11
CA SER C 72 -4.48 31.65 11.44
C SER C 72 -3.77 32.99 11.46
N PHE C 73 -4.24 33.88 10.60
CA PHE C 73 -3.60 35.17 10.43
C PHE C 73 -4.65 36.17 9.99
N GLU C 74 -4.64 37.34 10.60
CA GLU C 74 -5.66 38.31 10.30
C GLU C 74 -5.17 39.57 9.62
N VAL C 75 -5.94 40.03 8.64
CA VAL C 75 -5.73 41.32 8.01
C VAL C 75 -6.81 42.27 8.50
N PRO C 76 -6.43 43.15 9.43
CA PRO C 76 -7.34 43.94 10.27
C PRO C 76 -8.62 44.39 9.57
N GLY C 77 -8.51 45.26 8.57
CA GLY C 77 -9.71 45.76 7.92
C GLY C 77 -10.34 44.74 7.00
N VAL C 78 -9.53 43.78 6.54
CA VAL C 78 -9.92 42.93 5.42
C VAL C 78 -10.56 41.58 5.82
N ALA C 79 -9.76 40.65 6.31
CA ALA C 79 -10.30 39.40 6.80
C ALA C 79 -9.26 38.50 7.48
N ARG C 80 -9.73 37.42 8.10
CA ARG C 80 -8.85 36.46 8.74
C ARG C 80 -8.58 35.33 7.77
N PHE C 81 -7.41 34.70 7.87
CA PHE C 81 -7.10 33.62 6.96
C PHE C 81 -6.62 32.40 7.70
N ARG C 82 -7.07 31.24 7.26
CA ARG C 82 -6.48 30.04 7.78
C ARG C 82 -5.32 29.63 6.87
N VAL C 83 -4.12 29.58 7.47
CA VAL C 83 -2.83 29.55 6.76
C VAL C 83 -2.02 28.25 6.97
N ASN C 84 -1.71 27.56 5.87
CA ASN C 84 -0.89 26.34 5.95
C ASN C 84 0.39 26.53 5.20
N ALA C 85 1.50 26.34 5.92
CA ALA C 85 2.81 26.46 5.31
C ALA C 85 3.36 25.06 5.17
N PHE C 86 4.07 24.82 4.07
CA PHE C 86 4.60 23.50 3.80
C PHE C 86 5.78 23.65 2.87
N ASN C 87 6.51 22.56 2.68
CA ASN C 87 7.60 22.58 1.74
C ASN C 87 7.32 21.67 0.56
N GLN C 88 7.74 22.10 -0.63
CA GLN C 88 7.57 21.27 -1.81
C GLN C 88 8.87 21.25 -2.58
N ASN C 89 8.89 20.45 -3.64
CA ASN C 89 10.12 20.28 -4.41
C ASN C 89 10.86 21.56 -4.82
N ARG C 90 10.14 22.67 -4.94
CA ARG C 90 10.73 23.87 -5.47
C ARG C 90 11.10 24.81 -4.36
N GLY C 91 10.72 24.48 -3.14
CA GLY C 91 10.95 25.38 -2.03
C GLY C 91 9.73 25.56 -1.17
N ALA C 92 9.60 26.73 -0.55
CA ALA C 92 8.51 26.95 0.40
C ALA C 92 7.15 26.97 -0.31
N GLY C 93 6.11 26.73 0.47
CA GLY C 93 4.77 26.83 -0.08
C GLY C 93 3.80 27.17 1.02
N ALA C 94 2.79 27.97 0.68
CA ALA C 94 1.83 28.40 1.66
C ALA C 94 0.53 28.68 0.98
N VAL C 95 -0.56 28.29 1.61
CA VAL C 95 -1.89 28.51 1.03
C VAL C 95 -2.78 29.23 2.04
N PHE C 96 -3.45 30.30 1.60
CA PHE C 96 -4.28 31.11 2.50
C PHE C 96 -5.72 30.95 2.16
N ARG C 97 -6.49 30.39 3.08
CA ARG C 97 -7.91 30.27 2.84
C ARG C 97 -8.64 31.36 3.59
N THR C 98 -9.32 32.22 2.86
CA THR C 98 -10.01 33.31 3.50
C THR C 98 -11.20 32.75 4.26
N ILE C 99 -11.43 33.24 5.47
CA ILE C 99 -12.55 32.81 6.30
C ILE C 99 -13.72 33.78 6.20
N PRO C 100 -14.90 33.25 5.94
CA PRO C 100 -16.10 34.09 5.85
C PRO C 100 -16.14 35.08 7.00
N SER C 101 -16.07 36.37 6.71
CA SER C 101 -16.12 37.37 7.78
C SER C 101 -17.53 37.64 8.22
N LYS C 102 -18.40 37.86 7.26
CA LYS C 102 -19.78 38.22 7.57
C LYS C 102 -20.64 36.99 7.75
N VAL C 103 -21.41 36.96 8.83
CA VAL C 103 -22.33 35.86 9.05
C VAL C 103 -23.58 36.22 8.27
N LEU C 104 -23.60 35.79 6.99
CA LEU C 104 -24.46 36.31 5.89
C LEU C 104 -25.85 35.64 5.66
N THR C 105 -26.87 36.42 5.28
CA THR C 105 -28.31 36.02 5.44
C THR C 105 -28.99 35.11 4.44
N MET C 106 -30.21 34.74 4.82
CA MET C 106 -31.03 33.75 4.10
C MET C 106 -31.64 34.35 2.88
N GLU C 107 -31.97 35.63 2.95
CA GLU C 107 -32.44 36.35 1.76
C GLU C 107 -31.29 36.47 0.81
N GLU C 108 -30.20 37.03 1.30
CA GLU C 108 -29.01 37.23 0.49
C GLU C 108 -28.67 35.98 -0.29
N LEU C 109 -29.01 34.80 0.23
CA LEU C 109 -28.76 33.53 -0.48
C LEU C 109 -29.98 33.01 -1.25
N GLY C 110 -31.06 33.77 -1.23
CA GLY C 110 -32.28 33.36 -1.91
C GLY C 110 -32.85 32.02 -1.44
N MET C 111 -32.69 31.71 -0.17
CA MET C 111 -33.25 30.48 0.38
C MET C 111 -34.68 30.72 0.80
N GLY C 112 -35.55 29.72 0.62
CA GLY C 112 -36.98 29.92 0.90
C GLY C 112 -37.50 29.38 2.23
N GLU C 113 -38.81 29.54 2.43
CA GLU C 113 -39.51 29.06 3.63
C GLU C 113 -39.14 27.66 4.04
N VAL C 114 -38.85 26.81 3.06
CA VAL C 114 -38.58 25.43 3.35
C VAL C 114 -37.52 25.40 4.44
N PHE C 115 -36.47 26.20 4.25
CA PHE C 115 -35.35 26.28 5.18
C PHE C 115 -35.77 26.72 6.57
N LYS C 116 -36.50 27.83 6.63
CA LYS C 116 -37.06 28.28 7.91
C LYS C 116 -37.83 27.15 8.59
N ARG C 117 -38.86 26.64 7.91
CA ARG C 117 -39.60 25.50 8.44
C ARG C 117 -38.67 24.44 9.06
N VAL C 118 -37.66 24.00 8.29
CA VAL C 118 -36.72 23.03 8.81
C VAL C 118 -36.06 23.55 10.07
N SER C 119 -35.48 24.74 9.96
CA SER C 119 -34.80 25.36 11.10
C SER C 119 -35.72 25.45 12.31
N ASP C 120 -37.02 25.39 12.08
CA ASP C 120 -37.97 25.65 13.16
C ASP C 120 -38.38 24.45 13.98
N VAL C 121 -38.11 23.25 13.49
CA VAL C 121 -38.40 22.05 14.26
C VAL C 121 -37.86 22.21 15.68
N PRO C 122 -38.65 21.81 16.69
CA PRO C 122 -38.28 22.00 18.09
C PRO C 122 -37.05 21.21 18.50
N ARG C 123 -36.86 20.05 17.88
CA ARG C 123 -35.75 19.16 18.22
C ARG C 123 -35.50 18.15 17.09
N GLY C 124 -34.52 17.27 17.29
CA GLY C 124 -34.22 16.24 16.32
C GLY C 124 -32.93 16.49 15.58
N LEU C 125 -32.75 15.83 14.44
CA LEU C 125 -31.50 15.95 13.68
C LEU C 125 -31.66 16.59 12.31
N VAL C 126 -30.78 17.54 12.00
CA VAL C 126 -30.74 18.12 10.67
C VAL C 126 -29.34 18.05 10.08
N LEU C 127 -29.22 17.44 8.91
CA LEU C 127 -27.93 17.27 8.31
C LEU C 127 -27.89 18.09 7.06
N VAL C 128 -26.88 18.96 6.99
CA VAL C 128 -26.61 19.74 5.80
C VAL C 128 -25.30 19.23 5.22
N THR C 129 -25.38 18.51 4.11
CA THR C 129 -24.21 17.84 3.55
C THR C 129 -23.82 18.44 2.22
N GLY C 130 -22.68 18.01 1.71
CA GLY C 130 -22.13 18.50 0.45
C GLY C 130 -20.61 18.41 0.47
N PRO C 131 -19.96 18.21 -0.68
CA PRO C 131 -18.52 18.02 -0.60
C PRO C 131 -17.77 19.34 -0.63
N THR C 132 -16.52 19.37 -0.18
CA THR C 132 -15.73 20.59 -0.23
C THR C 132 -15.96 21.30 -1.55
N GLY C 133 -16.27 22.58 -1.46
CA GLY C 133 -16.55 23.35 -2.64
C GLY C 133 -17.93 23.98 -2.54
N SER C 134 -18.91 23.22 -2.06
CA SER C 134 -20.31 23.64 -2.16
C SER C 134 -20.77 24.56 -1.03
N GLY C 135 -19.81 25.14 -0.31
CA GLY C 135 -20.08 26.01 0.85
C GLY C 135 -21.42 25.88 1.59
N LYS C 136 -21.80 24.66 1.98
CA LYS C 136 -22.99 24.48 2.82
C LYS C 136 -22.87 25.36 4.07
N SER C 137 -21.70 25.32 4.70
CA SER C 137 -21.47 26.18 5.87
C SER C 137 -22.27 27.44 5.72
N THR C 138 -22.21 27.99 4.50
CA THR C 138 -22.95 29.19 4.19
C THR C 138 -24.44 29.02 4.49
N THR C 139 -25.05 27.98 3.92
CA THR C 139 -26.45 27.73 4.18
C THR C 139 -26.65 27.50 5.66
N LEU C 140 -25.86 26.60 6.24
CA LEU C 140 -25.95 26.36 7.67
C LEU C 140 -25.95 27.68 8.41
N ALA C 141 -24.90 28.48 8.21
CA ALA C 141 -24.79 29.76 8.87
C ALA C 141 -26.11 30.54 8.74
N ALA C 142 -26.61 30.62 7.52
CA ALA C 142 -27.86 31.33 7.25
C ALA C 142 -29.02 30.77 8.05
N MET C 143 -29.09 29.45 8.15
CA MET C 143 -30.16 28.83 8.91
C MET C 143 -30.05 29.19 10.39
N LEU C 144 -28.83 29.05 10.92
CA LEU C 144 -28.56 29.41 12.30
C LEU C 144 -28.89 30.86 12.55
N ASP C 145 -28.39 31.72 11.67
CA ASP C 145 -28.72 33.14 11.73
C ASP C 145 -30.22 33.33 11.83
N TYR C 146 -30.96 32.70 10.93
CA TYR C 146 -32.41 32.78 10.95
C TYR C 146 -33.00 32.58 12.34
N LEU C 147 -32.54 31.56 13.06
CA LEU C 147 -33.10 31.32 14.39
C LEU C 147 -32.57 32.35 15.33
N ASN C 148 -31.27 32.65 15.22
CA ASN C 148 -30.66 33.66 16.07
C ASN C 148 -31.40 34.98 15.98
N ASN C 149 -32.13 35.15 14.88
CA ASN C 149 -32.90 36.36 14.69
C ASN C 149 -34.34 36.22 15.14
N THR C 150 -34.79 35.00 15.42
CA THR C 150 -36.20 34.82 15.71
C THR C 150 -36.53 34.08 17.00
N LYS C 151 -35.57 33.35 17.55
CA LYS C 151 -35.81 32.64 18.81
C LYS C 151 -34.91 33.06 19.96
N TYR C 152 -35.47 33.09 21.17
CA TYR C 152 -34.69 33.47 22.34
C TYR C 152 -34.05 32.23 22.91
N HIS C 153 -33.23 31.59 22.08
CA HIS C 153 -32.67 30.35 22.45
C HIS C 153 -31.17 30.41 22.59
N HIS C 154 -30.62 29.26 22.90
CA HIS C 154 -29.21 29.13 23.12
C HIS C 154 -28.56 28.24 22.07
N ILE C 155 -27.90 28.84 21.10
CA ILE C 155 -27.20 28.07 20.09
C ILE C 155 -25.80 27.77 20.59
N LEU C 156 -25.43 26.50 20.59
CA LEU C 156 -24.11 26.08 21.02
C LEU C 156 -23.46 25.27 19.92
N THR C 157 -22.34 25.78 19.40
CA THR C 157 -21.67 25.18 18.24
C THR C 157 -20.31 24.63 18.56
N ILE C 158 -19.96 23.54 17.88
CA ILE C 158 -18.70 22.86 18.12
C ILE C 158 -18.01 22.62 16.79
N GLU C 159 -17.04 23.47 16.50
CA GLU C 159 -16.43 23.51 15.18
C GLU C 159 -14.92 23.38 15.28
N ASP C 160 -14.37 22.63 14.33
CA ASP C 160 -12.93 22.50 14.15
C ASP C 160 -12.49 22.91 12.73
N PRO C 161 -12.22 24.22 12.53
CA PRO C 161 -12.33 25.25 13.55
C PRO C 161 -13.52 26.12 13.21
N ILE C 162 -13.86 27.06 14.08
CA ILE C 162 -15.03 27.87 13.88
C ILE C 162 -14.94 28.59 12.55
N GLU C 163 -16.00 28.41 11.77
CA GLU C 163 -16.10 28.90 10.41
C GLU C 163 -16.65 30.33 10.33
N PHE C 164 -17.96 30.49 10.25
CA PHE C 164 -18.59 31.82 10.40
C PHE C 164 -18.70 32.10 11.90
N VAL C 165 -18.57 33.37 12.27
CA VAL C 165 -18.75 33.77 13.67
C VAL C 165 -20.05 34.52 13.75
N HIS C 166 -20.91 34.14 14.69
CA HIS C 166 -22.23 34.78 14.81
C HIS C 166 -22.23 35.74 15.97
N GLU C 167 -23.02 36.80 15.87
CA GLU C 167 -23.23 37.67 17.01
C GLU C 167 -24.50 37.36 17.75
N SER C 168 -24.41 37.33 19.07
CA SER C 168 -25.56 36.98 19.84
C SER C 168 -26.63 38.02 19.59
N LYS C 169 -27.70 37.62 18.89
CA LYS C 169 -28.84 38.49 18.67
C LYS C 169 -29.99 38.12 19.61
N LYS C 170 -30.97 37.34 19.15
CA LYS C 170 -31.98 36.88 20.09
C LYS C 170 -31.49 35.65 20.80
N CYS C 171 -30.41 35.10 20.28
CA CYS C 171 -29.89 33.89 20.85
C CYS C 171 -28.60 34.12 21.60
N LEU C 172 -28.43 33.35 22.66
CA LEU C 172 -27.12 33.18 23.21
C LEU C 172 -26.40 32.20 22.26
N VAL C 173 -25.37 32.70 21.61
CA VAL C 173 -24.58 31.88 20.74
C VAL C 173 -23.23 31.62 21.43
N ASN C 174 -22.94 30.35 21.68
CA ASN C 174 -21.63 29.97 22.18
C ASN C 174 -20.97 29.06 21.15
N GLN C 175 -19.85 29.49 20.59
CA GLN C 175 -19.14 28.65 19.63
C GLN C 175 -17.85 28.18 20.27
N ARG C 176 -17.62 26.88 20.22
CA ARG C 176 -16.42 26.31 20.82
C ARG C 176 -15.54 25.77 19.72
N GLU C 177 -14.31 26.25 19.61
CA GLU C 177 -13.36 25.73 18.63
C GLU C 177 -12.53 24.55 19.15
N VAL C 178 -12.78 23.37 18.58
CA VAL C 178 -12.06 22.17 18.95
C VAL C 178 -10.58 22.47 18.98
N HIS C 179 -9.89 21.96 20.01
CA HIS C 179 -8.44 22.12 20.13
C HIS C 179 -8.00 23.44 20.75
N ARG C 180 -8.93 24.38 20.88
CA ARG C 180 -8.61 25.62 21.56
C ARG C 180 -9.56 25.79 22.75
N ASP C 181 -10.85 25.65 22.49
CA ASP C 181 -11.86 25.83 23.52
C ASP C 181 -12.26 24.50 24.13
N THR C 182 -11.88 23.41 23.47
CA THR C 182 -12.32 22.10 23.90
C THR C 182 -11.36 21.06 23.34
N LEU C 183 -11.30 19.89 23.98
CA LEU C 183 -10.34 18.88 23.59
C LEU C 183 -10.79 18.08 22.37
N GLY C 184 -12.08 17.99 22.14
CA GLY C 184 -12.57 17.23 21.02
C GLY C 184 -14.07 17.22 20.96
N PHE C 185 -14.60 16.77 19.83
CA PHE C 185 -16.03 16.76 19.59
C PHE C 185 -16.79 16.01 20.68
N SER C 186 -16.25 14.87 21.10
CA SER C 186 -16.93 14.03 22.08
C SER C 186 -16.93 14.70 23.45
N GLU C 187 -15.76 15.09 23.92
CA GLU C 187 -15.68 15.84 25.18
C GLU C 187 -16.69 16.99 25.16
N ALA C 188 -16.53 17.87 24.17
CA ALA C 188 -17.41 19.01 24.01
C ALA C 188 -18.87 18.60 23.99
N LEU C 189 -19.20 17.61 23.17
CA LEU C 189 -20.58 17.15 23.08
C LEU C 189 -21.15 16.79 24.45
N ARG C 190 -20.41 15.99 25.21
CA ARG C 190 -20.92 15.61 26.50
C ARG C 190 -21.27 16.85 27.30
N SER C 191 -20.31 17.73 27.51
CA SER C 191 -20.57 18.97 28.25
C SER C 191 -21.85 19.63 27.75
N ALA C 192 -21.95 19.75 26.43
CA ALA C 192 -23.11 20.36 25.84
C ALA C 192 -24.41 19.88 26.48
N LEU C 193 -24.49 18.58 26.78
CA LEU C 193 -25.72 18.02 27.30
C LEU C 193 -26.10 18.56 28.66
N ARG C 194 -25.35 19.54 29.12
CA ARG C 194 -25.55 20.12 30.43
C ARG C 194 -25.02 21.55 30.42
N GLU C 195 -25.28 22.23 29.31
CA GLU C 195 -24.89 23.60 29.10
C GLU C 195 -26.15 24.31 28.67
N ASP C 196 -27.27 23.60 28.85
CA ASP C 196 -28.58 24.18 28.59
C ASP C 196 -28.66 24.73 27.17
N PRO C 197 -28.23 23.93 26.19
CA PRO C 197 -28.34 24.37 24.80
C PRO C 197 -29.70 24.05 24.23
N ASP C 198 -30.18 24.90 23.33
CA ASP C 198 -31.39 24.62 22.57
C ASP C 198 -31.01 23.93 21.28
N ILE C 199 -30.08 24.57 20.57
CA ILE C 199 -29.64 24.13 19.26
C ILE C 199 -28.16 23.83 19.34
N ILE C 200 -27.76 22.68 18.83
CA ILE C 200 -26.36 22.31 18.84
C ILE C 200 -25.84 22.12 17.45
N LEU C 201 -24.74 22.79 17.18
CA LEU C 201 -24.06 22.65 15.93
C LEU C 201 -22.83 21.79 16.09
N VAL C 202 -22.81 20.63 15.46
CA VAL C 202 -21.60 19.84 15.43
C VAL C 202 -20.90 20.02 14.07
N GLY C 203 -19.86 20.84 14.05
CA GLY C 203 -19.11 21.05 12.82
C GLY C 203 -19.26 19.82 11.95
N GLU C 204 -18.22 18.99 11.94
CA GLU C 204 -18.20 17.79 11.12
C GLU C 204 -18.63 16.55 11.91
N MET C 205 -18.99 15.49 11.19
CA MET C 205 -19.44 14.24 11.81
C MET C 205 -18.80 13.01 11.18
N ARG C 206 -17.49 12.93 11.24
CA ARG C 206 -16.75 11.91 10.51
C ARG C 206 -16.39 10.71 11.36
N ASP C 207 -16.92 10.64 12.58
CA ASP C 207 -16.44 9.60 13.51
C ASP C 207 -17.51 8.97 14.40
N LEU C 208 -17.43 7.65 14.53
CA LEU C 208 -18.29 6.90 15.42
C LEU C 208 -18.62 7.73 16.66
N GLU C 209 -17.59 8.14 17.38
CA GLU C 209 -17.73 9.00 18.55
C GLU C 209 -18.71 10.16 18.31
N THR C 210 -18.25 11.12 17.54
CA THR C 210 -19.03 12.30 17.23
C THR C 210 -20.45 11.97 16.79
N ILE C 211 -20.59 10.97 15.93
CA ILE C 211 -21.90 10.55 15.47
C ILE C 211 -22.72 10.04 16.65
N ARG C 212 -22.24 8.96 17.23
CA ARG C 212 -22.85 8.43 18.44
C ARG C 212 -23.41 9.55 19.33
N LEU C 213 -22.52 10.41 19.81
CA LEU C 213 -22.90 11.50 20.69
C LEU C 213 -23.94 12.43 20.06
N ALA C 214 -23.63 12.90 18.86
CA ALA C 214 -24.54 13.78 18.15
C ALA C 214 -25.95 13.22 18.23
N LEU C 215 -26.08 11.92 18.00
CA LEU C 215 -27.40 11.25 18.01
C LEU C 215 -28.10 11.33 19.36
N THR C 216 -27.36 11.02 20.42
CA THR C 216 -27.93 11.06 21.76
C THR C 216 -28.43 12.46 22.07
N ALA C 217 -27.74 13.46 21.52
CA ALA C 217 -28.15 14.84 21.68
C ALA C 217 -29.51 15.05 21.03
N ALA C 218 -29.65 14.54 19.82
CA ALA C 218 -30.92 14.62 19.12
C ALA C 218 -31.97 13.84 19.87
N GLU C 219 -31.53 12.76 20.51
CA GLU C 219 -32.47 11.83 21.14
C GLU C 219 -32.97 12.34 22.47
N THR C 220 -32.10 13.02 23.22
CA THR C 220 -32.45 13.48 24.55
C THR C 220 -33.30 14.75 24.51
N GLY C 221 -33.55 15.26 23.30
CA GLY C 221 -34.56 16.30 23.13
C GLY C 221 -34.08 17.61 22.52
N HIS C 222 -32.95 17.55 21.84
CA HIS C 222 -32.35 18.77 21.31
C HIS C 222 -32.46 18.91 19.80
N LEU C 223 -32.16 20.10 19.32
CA LEU C 223 -32.03 20.29 17.91
C LEU C 223 -30.56 20.27 17.58
N VAL C 224 -30.13 19.27 16.82
CA VAL C 224 -28.72 19.15 16.47
C VAL C 224 -28.58 19.24 14.95
N PHE C 225 -27.68 20.11 14.50
CA PHE C 225 -27.29 20.14 13.09
C PHE C 225 -25.90 19.54 13.03
N GLY C 226 -25.70 18.67 12.06
CA GLY C 226 -24.37 18.10 11.80
C GLY C 226 -24.14 18.26 10.32
N THR C 227 -22.95 17.92 9.84
CA THR C 227 -22.73 17.97 8.39
C THR C 227 -21.90 16.81 7.84
N LEU C 228 -21.92 16.65 6.52
CA LEU C 228 -21.15 15.60 5.88
C LEU C 228 -20.51 16.09 4.56
N HIS C 229 -20.12 15.16 3.70
CA HIS C 229 -19.69 15.55 2.37
C HIS C 229 -20.46 14.73 1.34
N THR C 230 -21.34 13.84 1.81
CA THR C 230 -22.21 13.10 0.92
C THR C 230 -22.92 14.11 0.02
N THR C 231 -23.39 13.65 -1.13
CA THR C 231 -24.02 14.53 -2.11
C THR C 231 -25.48 14.18 -2.34
N SER C 232 -26.04 13.34 -1.47
CA SER C 232 -27.41 12.87 -1.64
C SER C 232 -28.04 12.38 -0.35
N ALA C 233 -29.28 12.78 -0.12
CA ALA C 233 -30.03 12.31 1.05
C ALA C 233 -29.78 10.83 1.25
N ALA C 234 -30.13 10.06 0.23
CA ALA C 234 -29.95 8.62 0.30
C ALA C 234 -28.51 8.26 0.71
N LYS C 235 -27.53 8.87 0.04
CA LYS C 235 -26.13 8.52 0.30
C LYS C 235 -25.77 8.92 1.71
N THR C 236 -26.18 10.13 2.06
CA THR C 236 -25.96 10.65 3.40
C THR C 236 -26.36 9.59 4.43
N ILE C 237 -27.63 9.17 4.39
CA ILE C 237 -28.09 8.13 5.31
C ILE C 237 -27.14 6.94 5.30
N ASP C 238 -27.07 6.26 4.17
CA ASP C 238 -26.15 5.13 4.04
C ASP C 238 -24.85 5.44 4.77
N ARG C 239 -24.24 6.56 4.38
CA ARG C 239 -22.96 6.96 4.94
C ARG C 239 -22.93 6.91 6.45
N VAL C 240 -23.99 7.38 7.09
CA VAL C 240 -24.04 7.44 8.55
C VAL C 240 -24.11 6.03 9.14
N VAL C 241 -25.10 5.26 8.70
CA VAL C 241 -25.31 3.94 9.24
C VAL C 241 -24.13 3.02 8.92
N ASP C 242 -23.54 3.19 7.75
CA ASP C 242 -22.63 2.17 7.21
C ASP C 242 -21.23 2.19 7.80
N VAL C 243 -20.91 3.28 8.48
CA VAL C 243 -19.59 3.41 9.07
C VAL C 243 -19.52 2.77 10.45
N PHE C 244 -20.61 2.15 10.86
CA PHE C 244 -20.66 1.45 12.15
C PHE C 244 -20.47 -0.06 12.00
N PRO C 245 -19.80 -0.67 12.98
CA PRO C 245 -19.66 -2.10 13.01
C PRO C 245 -21.03 -2.78 12.89
N ALA C 246 -21.08 -3.84 12.10
CA ALA C 246 -22.33 -4.55 11.88
C ALA C 246 -23.12 -4.65 13.18
N GLU C 247 -22.44 -5.15 14.20
CA GLU C 247 -23.06 -5.44 15.47
C GLU C 247 -23.79 -4.24 16.08
N GLU C 248 -23.77 -3.10 15.41
CA GLU C 248 -24.30 -1.88 16.03
C GLU C 248 -25.16 -1.03 15.11
N LYS C 249 -25.28 -1.42 13.84
CA LYS C 249 -26.06 -0.66 12.87
C LYS C 249 -27.52 -0.47 13.30
N ALA C 250 -28.19 -1.57 13.62
CA ALA C 250 -29.55 -1.53 14.13
C ALA C 250 -29.78 -0.30 14.99
N MET C 251 -29.06 -0.26 16.11
CA MET C 251 -29.25 0.80 17.11
C MET C 251 -29.05 2.17 16.49
N VAL C 252 -28.13 2.27 15.54
CA VAL C 252 -27.90 3.53 14.86
C VAL C 252 -29.02 3.78 13.87
N ARG C 253 -29.29 2.80 13.02
CA ARG C 253 -30.34 2.95 12.03
C ARG C 253 -31.63 3.29 12.74
N SER C 254 -31.87 2.61 13.85
CA SER C 254 -33.06 2.88 14.61
C SER C 254 -33.11 4.33 15.07
N MET C 255 -32.07 4.74 15.81
CA MET C 255 -31.96 6.10 16.33
C MET C 255 -32.25 7.12 15.25
N LEU C 256 -31.35 7.15 14.26
CA LEU C 256 -31.46 8.06 13.13
C LEU C 256 -32.90 8.18 12.65
N SER C 257 -33.47 7.04 12.28
CA SER C 257 -34.84 6.95 11.78
C SER C 257 -35.85 7.67 12.68
N GLU C 258 -35.44 7.96 13.92
CA GLU C 258 -36.35 8.61 14.85
C GLU C 258 -36.06 10.08 15.02
N SER C 259 -34.80 10.45 14.89
CA SER C 259 -34.39 11.82 15.15
C SER C 259 -34.16 12.61 13.87
N LEU C 260 -34.03 11.91 12.73
CA LEU C 260 -33.71 12.60 11.49
C LEU C 260 -34.84 13.52 11.12
N GLN C 261 -34.56 14.80 11.09
CA GLN C 261 -35.57 15.78 10.84
C GLN C 261 -35.56 16.20 9.39
N SER C 262 -34.39 16.17 8.78
CA SER C 262 -34.25 16.58 7.40
C SER C 262 -32.82 16.50 6.91
N VAL C 263 -32.66 16.25 5.62
CA VAL C 263 -31.36 16.20 5.03
C VAL C 263 -31.29 17.16 3.86
N ILE C 264 -30.25 18.00 3.84
CA ILE C 264 -30.04 18.89 2.73
C ILE C 264 -28.67 18.70 2.10
N SER C 265 -28.65 18.25 0.86
CA SER C 265 -27.39 18.10 0.13
C SER C 265 -27.32 19.24 -0.88
N GLN C 266 -26.15 19.85 -0.95
CA GLN C 266 -26.00 21.05 -1.73
C GLN C 266 -24.91 20.91 -2.78
N THR C 267 -24.82 21.89 -3.68
CA THR C 267 -23.77 21.89 -4.68
C THR C 267 -23.78 23.16 -5.53
N LEU C 268 -22.61 23.63 -5.94
CA LEU C 268 -22.49 24.89 -6.65
C LEU C 268 -22.46 24.71 -8.16
N ILE C 269 -23.07 25.64 -8.87
CA ILE C 269 -23.06 25.59 -10.31
C ILE C 269 -22.78 26.95 -10.92
N LYS C 270 -22.07 26.93 -12.04
CA LYS C 270 -21.67 28.16 -12.73
C LYS C 270 -22.87 28.92 -13.27
N LYS C 271 -23.18 30.04 -12.63
CA LYS C 271 -24.30 30.84 -13.00
C LYS C 271 -24.08 31.35 -14.42
N ILE C 272 -24.99 30.96 -15.31
CA ILE C 272 -25.02 31.43 -16.69
C ILE C 272 -24.76 32.92 -16.80
N GLY C 273 -23.53 33.31 -17.15
CA GLY C 273 -23.15 34.72 -17.27
C GLY C 273 -22.32 35.23 -16.09
N GLY C 274 -21.64 34.32 -15.42
CA GLY C 274 -20.70 34.70 -14.37
C GLY C 274 -21.22 34.23 -13.04
N GLY C 275 -20.30 33.89 -12.14
CA GLY C 275 -20.67 33.51 -10.77
C GLY C 275 -21.12 32.07 -10.70
N ARG C 276 -21.94 31.77 -9.69
CA ARG C 276 -22.36 30.40 -9.38
C ARG C 276 -23.54 30.41 -8.42
N VAL C 277 -24.40 29.41 -8.55
CA VAL C 277 -25.58 29.35 -7.73
C VAL C 277 -25.73 27.95 -7.15
N ALA C 278 -26.31 27.88 -5.96
CA ALA C 278 -26.37 26.63 -5.24
C ALA C 278 -27.61 25.85 -5.57
N ALA C 279 -27.44 24.54 -5.74
CA ALA C 279 -28.57 23.65 -5.97
C ALA C 279 -28.69 22.78 -4.74
N HIS C 280 -29.91 22.66 -4.23
CA HIS C 280 -30.14 21.88 -3.03
C HIS C 280 -31.07 20.72 -3.28
N GLU C 281 -30.66 19.54 -2.83
CA GLU C 281 -31.60 18.45 -2.69
C GLU C 281 -32.17 18.53 -1.27
N ILE C 282 -33.48 18.51 -1.16
CA ILE C 282 -34.11 18.65 0.13
C ILE C 282 -34.97 17.45 0.47
N MET C 283 -34.69 16.84 1.61
CA MET C 283 -35.45 15.70 2.08
C MET C 283 -35.91 15.97 3.49
N ILE C 284 -37.22 15.83 3.72
CA ILE C 284 -37.79 16.16 5.02
C ILE C 284 -38.30 14.93 5.79
N GLY C 285 -38.11 14.96 7.11
CA GLY C 285 -38.59 13.90 7.98
C GLY C 285 -40.06 13.66 7.77
N THR C 286 -40.47 12.40 7.81
CA THR C 286 -41.81 12.03 7.42
C THR C 286 -42.08 10.58 7.78
N PRO C 287 -43.11 10.36 8.60
CA PRO C 287 -43.52 9.02 9.04
C PRO C 287 -43.18 7.93 8.03
N ALA C 288 -43.53 8.14 6.77
CA ALA C 288 -43.20 7.17 5.75
C ALA C 288 -41.69 6.94 5.68
N ILE C 289 -40.94 8.02 5.46
CA ILE C 289 -39.49 7.94 5.32
C ILE C 289 -38.83 7.40 6.57
N ARG C 290 -39.35 7.80 7.73
CA ARG C 290 -38.92 7.22 9.00
C ARG C 290 -38.78 5.71 8.84
N ASN C 291 -39.89 5.04 8.56
CA ASN C 291 -39.87 3.60 8.32
C ASN C 291 -38.75 3.23 7.36
N LEU C 292 -38.86 3.75 6.14
CA LEU C 292 -37.82 3.55 5.15
C LEU C 292 -36.45 3.45 5.79
N ILE C 293 -36.23 4.24 6.83
CA ILE C 293 -34.97 4.22 7.54
C ILE C 293 -34.90 3.10 8.57
N ARG C 294 -35.76 3.15 9.58
CA ARG C 294 -35.76 2.14 10.63
C ARG C 294 -35.67 0.77 9.97
N GLU C 295 -36.60 0.49 9.05
CA GLU C 295 -36.45 -0.63 8.13
C GLU C 295 -35.25 -0.27 7.27
N ASP C 296 -34.87 -1.16 6.36
CA ASP C 296 -33.66 -0.88 5.59
C ASP C 296 -33.95 -0.35 4.18
N LYS C 297 -35.23 -0.18 3.88
CA LYS C 297 -35.65 0.17 2.52
C LYS C 297 -35.34 1.63 2.14
N VAL C 298 -34.10 2.06 2.38
CA VAL C 298 -33.71 3.41 2.04
C VAL C 298 -33.68 3.60 0.53
N ALA C 299 -33.44 2.50 -0.19
CA ALA C 299 -33.52 2.51 -1.63
C ALA C 299 -34.71 3.35 -2.08
N GLN C 300 -35.91 2.88 -1.77
CA GLN C 300 -37.14 3.62 -2.13
C GLN C 300 -37.28 4.93 -1.36
N MET C 301 -36.26 5.76 -1.44
CA MET C 301 -36.27 7.04 -0.79
C MET C 301 -36.56 8.12 -1.83
N TYR C 302 -35.84 8.01 -2.93
CA TYR C 302 -35.96 8.91 -4.02
C TYR C 302 -37.40 9.29 -4.35
N SER C 303 -38.18 8.30 -4.76
CA SER C 303 -39.53 8.56 -5.21
C SER C 303 -40.30 9.22 -4.07
N ALA C 304 -39.95 8.86 -2.85
CA ALA C 304 -40.54 9.47 -1.66
C ALA C 304 -40.33 10.98 -1.67
N ILE C 305 -39.10 11.39 -1.97
CA ILE C 305 -38.79 12.81 -2.02
C ILE C 305 -39.52 13.48 -3.18
N GLN C 306 -39.58 12.76 -4.29
CA GLN C 306 -40.16 13.28 -5.50
C GLN C 306 -41.64 13.60 -5.31
N THR C 307 -42.30 12.88 -4.41
CA THR C 307 -43.71 13.11 -4.13
C THR C 307 -43.85 13.93 -2.86
N GLY C 308 -42.70 14.30 -2.31
CA GLY C 308 -42.66 15.12 -1.10
C GLY C 308 -42.81 16.61 -1.40
N GLY C 309 -42.98 16.94 -2.66
CA GLY C 309 -43.12 18.34 -3.07
C GLY C 309 -43.87 19.19 -2.07
N GLY C 312 -42.26 20.59 0.73
CA GLY C 312 -41.21 21.39 0.12
C GLY C 312 -39.95 20.61 -0.23
N MET C 313 -40.03 19.28 -0.27
CA MET C 313 -38.87 18.46 -0.62
C MET C 313 -38.53 18.59 -2.09
N GLN C 314 -37.35 18.12 -2.50
CA GLN C 314 -36.99 18.16 -3.91
C GLN C 314 -35.79 17.30 -4.25
N THR C 315 -35.85 16.64 -5.40
CA THR C 315 -34.68 15.95 -5.94
C THR C 315 -33.69 17.00 -6.31
N LEU C 316 -32.42 16.65 -6.29
CA LEU C 316 -31.40 17.56 -6.78
C LEU C 316 -31.64 17.86 -8.25
N ASP C 317 -31.76 16.81 -9.05
CA ASP C 317 -32.06 16.99 -10.46
C ASP C 317 -33.27 17.88 -10.63
N MET C 318 -34.32 17.56 -9.89
CA MET C 318 -35.53 18.37 -9.91
C MET C 318 -35.22 19.85 -9.75
N CYS C 319 -34.43 20.14 -8.72
CA CYS C 319 -33.95 21.48 -8.43
C CYS C 319 -33.17 22.05 -9.61
N LEU C 320 -32.26 21.25 -10.16
CA LEU C 320 -31.47 21.66 -11.31
C LEU C 320 -32.33 22.26 -12.41
N LYS C 321 -33.21 21.44 -12.99
CA LYS C 321 -34.06 21.90 -14.08
C LYS C 321 -34.60 23.27 -13.76
N GLY C 322 -35.07 23.44 -12.52
CA GLY C 322 -35.50 24.75 -12.03
C GLY C 322 -34.57 25.84 -12.55
N LEU C 323 -33.28 25.57 -12.49
CA LEU C 323 -32.28 26.54 -12.90
C LEU C 323 -32.13 26.40 -14.41
N SER C 330 -28.12 27.43 -16.83
CA SER C 330 -27.48 26.91 -18.04
C SER C 330 -27.74 25.41 -18.22
N ARG C 331 -28.26 25.03 -19.39
CA ARG C 331 -28.81 23.68 -19.60
C ARG C 331 -27.80 22.55 -19.51
N GLU C 332 -27.09 22.32 -20.59
CA GLU C 332 -26.10 21.28 -20.61
C GLU C 332 -25.18 21.43 -19.41
N ASN C 333 -24.88 22.69 -19.09
CA ASN C 333 -24.11 23.04 -17.91
C ASN C 333 -24.53 22.22 -16.67
N ALA C 334 -25.83 22.20 -16.40
CA ALA C 334 -26.38 21.42 -15.29
C ALA C 334 -26.52 19.93 -15.59
N ARG C 335 -27.41 19.60 -16.52
CA ARG C 335 -27.58 18.21 -16.94
C ARG C 335 -26.26 17.48 -16.73
N GLU C 336 -25.20 18.26 -16.59
CA GLU C 336 -23.89 17.75 -16.27
C GLU C 336 -23.76 17.39 -14.79
N LYS C 337 -24.71 17.82 -13.96
CA LYS C 337 -24.66 17.51 -12.54
C LYS C 337 -25.83 16.64 -12.09
N ALA C 338 -26.57 16.15 -13.08
CA ALA C 338 -27.74 15.30 -12.84
C ALA C 338 -27.37 13.94 -12.29
N LYS C 339 -28.34 13.27 -11.67
CA LYS C 339 -28.20 11.87 -11.32
C LYS C 339 -28.68 11.06 -12.51
N ILE C 340 -29.44 11.71 -13.40
CA ILE C 340 -29.84 11.10 -14.65
C ILE C 340 -29.86 12.13 -15.79
N PRO C 341 -28.72 12.30 -16.47
CA PRO C 341 -28.52 13.25 -17.57
C PRO C 341 -29.58 13.18 -18.69
N GLU C 342 -29.74 14.30 -19.40
CA GLU C 342 -30.73 14.44 -20.46
C GLU C 342 -31.04 15.92 -20.69
#